data_4BRL
#
_entry.id   4BRL
#
_cell.length_a   80.994
_cell.length_b   83.463
_cell.length_c   109.289
_cell.angle_alpha   90.00
_cell.angle_beta   90.00
_cell.angle_gamma   90.00
#
_symmetry.space_group_name_H-M   'P 21 21 21'
#
loop_
_entity.id
_entity.type
_entity.pdbx_description
1 polymer 'ECTONUCLEOSIDE TRIPHOSPHATE DIPHOSPHOHYDROLASE I'
2 non-polymer "GUANOSINE-5'-PHOSPHOVANADATE"
3 non-polymer 'MAGNESIUM ION'
4 non-polymer 'CHLORIDE ION'
5 water water
#
_entity_poly.entity_id   1
_entity_poly.type   'polypeptide(L)'
_entity_poly.pdbx_seq_one_letter_code
;MDTNPCEKHSCIAVIDAGSTGSRLHIYSYDTDDTNTPIHIEEIWNKKIKPGFASIQPNSVTIDAYLTMLLADAPIHNIPV
YFYATAGMRLLPQSQQKKYYDELDYWFRQQSQWQLVEAKTITGNDEALFDWLAVNYKLDTLKSVQNKSVGVMDMGGASVQ
IVFPMPKNAEISKHNQVELNIYGQNINLYVHSFLGLGQTEMSHQFLNSPSCFANDYPLPDGESGQGNAPSCKEEVTSLMN
SVHKVNQQIQPLLALNPVNEWYSIGGISNLASSQLFHFENSELTNQSLLQQGDNQICHQQWDILNGQYPDDEYLYQYCLL
SSYYYALMVDGYGINPNQTIHYIPPEQNLDWTIGVVLHRALEHHHHHH
;
_entity_poly.pdbx_strand_id   A,B
#
loop_
_chem_comp.id
_chem_comp.type
_chem_comp.name
_chem_comp.formula
CL non-polymer 'CHLORIDE ION' 'Cl -1'
GMV non-polymer GUANOSINE-5'-PHOSPHOVANADATE 'C10 H17 N5 O12 P V'
MG non-polymer 'MAGNESIUM ION' 'Mg 2'
#
# COMPACT_ATOMS: atom_id res chain seq x y z
N THR A 3 -9.47 -29.53 -31.89
CA THR A 3 -10.78 -28.83 -32.11
C THR A 3 -10.69 -27.39 -31.60
N ASN A 4 -11.17 -26.44 -32.39
CA ASN A 4 -11.35 -25.06 -31.94
C ASN A 4 -12.83 -24.82 -31.77
N PRO A 5 -13.34 -24.82 -30.54
CA PRO A 5 -14.77 -24.53 -30.26
C PRO A 5 -15.24 -23.18 -30.80
N CYS A 6 -14.30 -22.25 -31.03
CA CYS A 6 -14.64 -20.85 -31.41
C CYS A 6 -15.06 -20.75 -32.89
N GLU A 7 -14.91 -21.85 -33.64
CA GLU A 7 -15.40 -21.90 -35.02
C GLU A 7 -16.93 -22.11 -35.07
N LYS A 8 -17.46 -22.70 -33.99
CA LYS A 8 -18.88 -23.07 -33.85
C LYS A 8 -19.67 -22.38 -32.77
N HIS A 9 -19.00 -21.64 -31.89
CA HIS A 9 -19.63 -20.94 -30.80
C HIS A 9 -18.92 -19.60 -30.71
N SER A 10 -19.60 -18.62 -30.16
CA SER A 10 -18.97 -17.32 -29.91
C SER A 10 -17.91 -17.51 -28.80
N CYS A 11 -16.78 -16.84 -28.99
CA CYS A 11 -15.75 -16.79 -27.94
C CYS A 11 -15.32 -15.35 -27.69
N ILE A 12 -15.04 -15.07 -26.43
CA ILE A 12 -14.33 -13.82 -26.03
C ILE A 12 -13.28 -14.15 -25.00
N ALA A 13 -12.28 -13.25 -24.88
CA ALA A 13 -11.29 -13.34 -23.82
C ALA A 13 -11.59 -12.21 -22.83
N VAL A 14 -11.56 -12.54 -21.53
CA VAL A 14 -11.68 -11.54 -20.47
C VAL A 14 -10.48 -11.67 -19.54
N ILE A 15 -9.80 -10.55 -19.30
CA ILE A 15 -8.66 -10.53 -18.39
C ILE A 15 -9.05 -9.79 -17.12
N ASP A 16 -8.94 -10.51 -16.00
CA ASP A 16 -9.06 -9.91 -14.61
C ASP A 16 -7.68 -9.42 -14.27
N ALA A 17 -7.49 -8.10 -14.30
CA ALA A 17 -6.18 -7.56 -13.95
C ALA A 17 -6.26 -7.08 -12.50
N GLY A 18 -6.05 -8.04 -11.61
CA GLY A 18 -6.20 -7.80 -10.15
C GLY A 18 -4.97 -7.25 -9.48
N SER A 19 -5.10 -6.95 -8.19
CA SER A 19 -3.98 -6.30 -7.49
C SER A 19 -2.77 -7.22 -7.35
N THR A 20 -3.00 -8.54 -7.29
CA THR A 20 -1.89 -9.47 -6.99
C THR A 20 -1.48 -10.26 -8.23
N GLY A 21 -2.22 -10.10 -9.33
CA GLY A 21 -1.89 -10.86 -10.54
C GLY A 21 -2.97 -10.68 -11.63
N SER A 22 -2.71 -11.20 -12.85
CA SER A 22 -3.68 -11.11 -13.94
C SER A 22 -4.09 -12.51 -14.37
N ARG A 23 -5.38 -12.68 -14.67
CA ARG A 23 -5.90 -14.00 -15.05
C ARG A 23 -6.64 -13.81 -16.39
N LEU A 24 -6.13 -14.49 -17.42
CA LEU A 24 -6.77 -14.57 -18.73
C LEU A 24 -7.74 -15.74 -18.72
N HIS A 25 -8.98 -15.49 -19.16
CA HIS A 25 -9.92 -16.59 -19.40
C HIS A 25 -10.40 -16.45 -20.85
N ILE A 26 -10.50 -17.58 -21.54
CA ILE A 26 -11.21 -17.59 -22.86
C ILE A 26 -12.51 -18.37 -22.61
N TYR A 27 -13.64 -17.74 -22.93
CA TYR A 27 -14.96 -18.36 -22.73
C TYR A 27 -15.59 -18.61 -24.10
N SER A 28 -16.13 -19.82 -24.26
CA SER A 28 -17.08 -20.09 -25.40
C SER A 28 -18.53 -20.03 -24.83
N TYR A 29 -19.47 -19.65 -25.67
CA TYR A 29 -20.85 -19.62 -25.23
C TYR A 29 -21.77 -19.65 -26.45
N ASP A 30 -23.06 -19.94 -26.17
CA ASP A 30 -24.14 -19.72 -27.15
C ASP A 30 -25.01 -18.59 -26.63
N THR A 31 -26.09 -18.28 -27.35
CA THR A 31 -26.95 -17.25 -26.86
C THR A 31 -28.39 -17.67 -27.05
N ASP A 32 -29.24 -17.32 -26.10
CA ASP A 32 -30.66 -17.68 -26.20
C ASP A 32 -31.36 -16.65 -27.05
N ASP A 33 -32.67 -16.61 -26.93
CA ASP A 33 -33.52 -15.81 -27.76
C ASP A 33 -33.30 -14.31 -27.75
N THR A 34 -32.75 -13.82 -26.67
CA THR A 34 -32.50 -12.39 -26.53
C THR A 34 -31.02 -12.08 -26.78
N ASN A 35 -30.28 -13.05 -27.32
CA ASN A 35 -28.83 -12.90 -27.50
C ASN A 35 -28.11 -12.80 -26.12
N THR A 36 -28.73 -13.38 -25.08
CA THR A 36 -28.07 -13.51 -23.75
C THR A 36 -27.26 -14.77 -23.66
N PRO A 37 -25.97 -14.67 -23.22
CA PRO A 37 -25.15 -15.87 -23.21
C PRO A 37 -25.72 -17.03 -22.36
N ILE A 38 -25.59 -18.25 -22.88
CA ILE A 38 -25.88 -19.51 -22.15
C ILE A 38 -24.73 -20.48 -22.48
N HIS A 39 -24.69 -21.61 -21.80
CA HIS A 39 -23.64 -22.61 -22.03
C HIS A 39 -22.22 -22.04 -21.96
N ILE A 40 -21.99 -21.14 -21.00
CA ILE A 40 -20.67 -20.48 -20.92
C ILE A 40 -19.70 -21.50 -20.42
N GLU A 41 -18.64 -21.70 -21.17
CA GLU A 41 -17.60 -22.60 -20.72
C GLU A 41 -16.21 -21.95 -20.79
N GLU A 42 -15.36 -22.15 -19.79
CA GLU A 42 -13.96 -21.66 -19.87
C GLU A 42 -13.12 -22.70 -20.64
N ILE A 43 -12.59 -22.31 -21.79
CA ILE A 43 -11.74 -23.20 -22.59
C ILE A 43 -10.24 -22.95 -22.40
N TRP A 44 -9.86 -21.85 -21.74
CA TRP A 44 -8.42 -21.60 -21.48
C TRP A 44 -8.31 -20.68 -20.31
N ASN A 45 -7.28 -20.90 -19.49
CA ASN A 45 -7.04 -20.06 -18.33
C ASN A 45 -5.51 -19.96 -18.22
N LYS A 46 -5.01 -18.76 -17.95
CA LYS A 46 -3.63 -18.56 -17.60
C LYS A 46 -3.55 -17.44 -16.58
N LYS A 47 -2.74 -17.65 -15.55
CA LYS A 47 -2.62 -16.65 -14.48
C LYS A 47 -1.15 -16.32 -14.37
N ILE A 48 -0.85 -15.03 -14.20
CA ILE A 48 0.54 -14.61 -13.95
C ILE A 48 0.60 -13.64 -12.79
N LYS A 49 1.81 -13.51 -12.24
CA LYS A 49 2.12 -12.56 -11.13
C LYS A 49 3.23 -11.62 -11.63
N PRO A 50 3.38 -10.43 -11.02
CA PRO A 50 2.58 -9.80 -9.96
C PRO A 50 1.41 -9.03 -10.63
N GLY A 51 0.76 -8.14 -9.91
CA GLY A 51 -0.34 -7.29 -10.45
C GLY A 51 0.20 -6.38 -11.51
N PHE A 52 -0.63 -6.15 -12.53
CA PHE A 52 -0.28 -5.25 -13.66
C PHE A 52 0.05 -3.81 -13.16
N ALA A 53 -0.69 -3.33 -12.13
CA ALA A 53 -0.46 -1.96 -11.64
C ALA A 53 0.82 -1.89 -10.80
N SER A 54 1.47 -3.02 -10.52
CA SER A 54 2.69 -3.01 -9.69
CA SER A 54 2.67 -2.99 -9.67
C SER A 54 3.95 -2.90 -10.49
N ILE A 55 3.87 -3.18 -11.80
CA ILE A 55 5.07 -3.25 -12.66
C ILE A 55 5.40 -1.90 -13.27
N GLN A 56 6.67 -1.71 -13.61
CA GLN A 56 7.09 -0.45 -14.21
C GLN A 56 6.34 -0.30 -15.52
N PRO A 57 5.69 0.85 -15.72
CA PRO A 57 4.93 1.18 -16.98
C PRO A 57 5.75 1.62 -18.20
N ASN A 58 6.75 0.81 -18.57
CA ASN A 58 7.54 1.07 -19.81
C ASN A 58 7.32 -0.05 -20.81
N SER A 59 7.72 0.16 -22.06
CA SER A 59 7.48 -0.81 -23.16
C SER A 59 8.06 -2.15 -22.94
N VAL A 60 9.26 -2.19 -22.40
CA VAL A 60 9.92 -3.45 -22.31
C VAL A 60 9.23 -4.32 -21.24
N THR A 61 8.84 -3.69 -20.15
CA THR A 61 8.25 -4.42 -19.02
C THR A 61 6.85 -4.89 -19.38
N ILE A 62 6.10 -4.03 -20.07
CA ILE A 62 4.72 -4.36 -20.37
C ILE A 62 4.64 -5.44 -21.46
N ASP A 63 5.54 -5.29 -22.44
CA ASP A 63 5.78 -6.37 -23.45
C ASP A 63 6.08 -7.71 -22.82
N ALA A 64 7.06 -7.80 -21.90
CA ALA A 64 7.32 -9.09 -21.25
C ALA A 64 6.07 -9.64 -20.53
N TYR A 65 5.40 -8.76 -19.79
CA TYR A 65 4.19 -9.13 -19.06
C TYR A 65 3.05 -9.64 -19.95
N LEU A 66 2.68 -8.87 -20.96
CA LEU A 66 1.56 -9.28 -21.84
C LEU A 66 1.90 -10.50 -22.66
N THR A 67 3.17 -10.62 -23.05
CA THR A 67 3.65 -11.80 -23.75
C THR A 67 3.49 -13.00 -22.86
N MET A 68 3.96 -12.92 -21.60
CA MET A 68 3.78 -14.03 -20.65
CA MET A 68 3.77 -14.04 -20.67
C MET A 68 2.28 -14.38 -20.50
N LEU A 69 1.43 -13.36 -20.45
CA LEU A 69 0.02 -13.62 -20.21
C LEU A 69 -0.68 -14.33 -21.37
N LEU A 70 -0.35 -13.90 -22.59
CA LEU A 70 -1.12 -14.22 -23.82
C LEU A 70 -0.48 -15.14 -24.83
N ALA A 71 0.84 -15.13 -24.91
CA ALA A 71 1.49 -15.77 -26.06
C ALA A 71 1.08 -17.22 -26.31
N ASP A 72 1.04 -18.04 -25.26
CA ASP A 72 0.79 -19.47 -25.49
C ASP A 72 -0.73 -19.85 -25.53
N ALA A 73 -1.61 -18.86 -25.67
CA ALA A 73 -3.05 -19.13 -25.70
C ALA A 73 -3.32 -19.93 -26.98
N PRO A 74 -4.18 -20.98 -26.91
CA PRO A 74 -4.41 -21.78 -28.14
C PRO A 74 -5.25 -21.12 -29.23
N ILE A 75 -6.00 -20.06 -28.88
CA ILE A 75 -6.81 -19.29 -29.83
C ILE A 75 -6.48 -17.80 -29.59
N HIS A 76 -6.13 -17.04 -30.64
CA HIS A 76 -5.71 -15.60 -30.52
C HIS A 76 -6.59 -14.58 -31.30
N ASN A 77 -7.36 -15.08 -32.27
CA ASN A 77 -8.10 -14.19 -33.17
C ASN A 77 -9.55 -13.92 -32.64
N ILE A 78 -9.63 -13.39 -31.42
CA ILE A 78 -10.92 -13.22 -30.72
C ILE A 78 -10.90 -11.86 -30.02
N PRO A 79 -12.08 -11.34 -29.67
CA PRO A 79 -12.17 -10.05 -28.93
C PRO A 79 -11.63 -10.23 -27.48
N VAL A 80 -10.96 -9.19 -26.97
CA VAL A 80 -10.32 -9.19 -25.65
C VAL A 80 -10.85 -8.01 -24.82
N TYR A 81 -11.31 -8.30 -23.58
CA TYR A 81 -11.69 -7.29 -22.61
C TYR A 81 -10.63 -7.28 -21.51
N PHE A 82 -9.94 -6.15 -21.30
CA PHE A 82 -8.93 -6.09 -20.23
C PHE A 82 -9.48 -5.16 -19.15
N TYR A 83 -9.86 -5.70 -18.02
CA TYR A 83 -10.54 -4.92 -16.96
C TYR A 83 -9.65 -5.00 -15.72
N ALA A 84 -9.11 -3.86 -15.30
CA ALA A 84 -8.34 -3.80 -14.08
C ALA A 84 -9.22 -3.45 -12.90
N THR A 85 -8.84 -3.98 -11.75
CA THR A 85 -9.60 -3.71 -10.54
C THR A 85 -8.83 -2.87 -9.51
N ALA A 86 -8.79 -3.28 -8.23
CA ALA A 86 -8.41 -2.26 -7.19
C ALA A 86 -6.91 -1.90 -7.19
N GLY A 87 -6.04 -2.77 -7.72
CA GLY A 87 -4.62 -2.42 -7.80
C GLY A 87 -4.47 -1.11 -8.64
N MET A 88 -5.18 -1.04 -9.76
CA MET A 88 -5.12 0.17 -10.62
CA MET A 88 -5.16 0.14 -10.63
C MET A 88 -5.88 1.33 -9.98
N ARG A 89 -6.97 1.03 -9.21
CA ARG A 89 -7.73 2.10 -8.53
C ARG A 89 -6.89 2.85 -7.48
N LEU A 90 -5.79 2.24 -7.05
CA LEU A 90 -4.87 2.88 -6.04
C LEU A 90 -4.09 4.05 -6.68
N LEU A 91 -4.01 4.08 -8.00
CA LEU A 91 -3.13 5.00 -8.70
C LEU A 91 -3.92 6.20 -9.26
N PRO A 92 -3.30 7.42 -9.31
CA PRO A 92 -4.10 8.45 -9.94
C PRO A 92 -4.30 8.21 -11.46
N GLN A 93 -5.36 8.82 -12.00
CA GLN A 93 -5.72 8.71 -13.41
C GLN A 93 -4.52 9.01 -14.35
N SER A 94 -3.67 9.99 -13.99
CA SER A 94 -2.46 10.26 -14.75
C SER A 94 -1.47 9.09 -14.88
N GLN A 95 -1.24 8.34 -13.80
CA GLN A 95 -0.39 7.14 -13.79
C GLN A 95 -1.07 5.96 -14.53
N GLN A 96 -2.37 5.79 -14.28
CA GLN A 96 -3.16 4.76 -14.99
C GLN A 96 -3.08 4.99 -16.52
N LYS A 97 -3.17 6.26 -16.95
CA LYS A 97 -3.10 6.59 -18.38
C LYS A 97 -1.82 6.07 -19.05
N LYS A 98 -0.69 6.11 -18.35
CA LYS A 98 0.56 5.60 -18.93
C LYS A 98 0.44 4.10 -19.19
N TYR A 99 -0.19 3.38 -18.26
CA TYR A 99 -0.35 1.91 -18.39
C TYR A 99 -1.24 1.62 -19.61
N TYR A 100 -2.37 2.31 -19.74
CA TYR A 100 -3.30 2.06 -20.87
C TYR A 100 -2.77 2.47 -22.22
N ASP A 101 -2.00 3.54 -22.25
CA ASP A 101 -1.29 3.91 -23.49
C ASP A 101 -0.30 2.82 -23.89
N GLU A 102 0.50 2.32 -22.95
CA GLU A 102 1.50 1.28 -23.32
C GLU A 102 0.77 -0.03 -23.77
N LEU A 103 -0.25 -0.39 -23.03
CA LEU A 103 -1.06 -1.60 -23.36
C LEU A 103 -1.73 -1.46 -24.75
N ASP A 104 -2.37 -0.31 -25.00
CA ASP A 104 -2.93 -0.02 -26.34
C ASP A 104 -1.84 -0.19 -27.47
N TYR A 105 -0.67 0.44 -27.27
CA TYR A 105 0.44 0.32 -28.21
C TYR A 105 0.80 -1.19 -28.44
N TRP A 106 0.98 -1.95 -27.38
CA TRP A 106 1.30 -3.38 -27.48
C TRP A 106 0.31 -4.14 -28.34
N PHE A 107 -0.97 -3.91 -28.11
CA PHE A 107 -2.05 -4.59 -28.88
C PHE A 107 -1.96 -4.21 -30.38
N ARG A 108 -1.59 -2.95 -30.65
CA ARG A 108 -1.44 -2.52 -32.05
CA ARG A 108 -1.34 -2.42 -32.01
C ARG A 108 -0.17 -3.09 -32.75
N GLN A 109 0.79 -3.65 -32.01
CA GLN A 109 2.03 -4.27 -32.61
C GLN A 109 1.78 -5.71 -33.07
N GLN A 110 0.54 -6.19 -32.94
CA GLN A 110 0.23 -7.56 -33.36
C GLN A 110 -1.16 -7.55 -34.01
N SER A 111 -1.64 -8.69 -34.52
CA SER A 111 -2.75 -8.62 -35.49
C SER A 111 -3.89 -9.55 -35.18
N GLN A 112 -3.66 -10.43 -34.20
CA GLN A 112 -4.62 -11.44 -33.88
CA GLN A 112 -4.61 -11.45 -33.87
C GLN A 112 -5.63 -10.97 -32.83
N TRP A 113 -5.18 -10.73 -31.60
CA TRP A 113 -6.07 -10.26 -30.56
C TRP A 113 -6.75 -8.94 -30.96
N GLN A 114 -8.07 -8.88 -30.82
CA GLN A 114 -8.86 -7.64 -31.07
C GLN A 114 -9.25 -7.02 -29.72
N LEU A 115 -8.56 -5.93 -29.32
CA LEU A 115 -8.80 -5.38 -28.00
C LEU A 115 -10.06 -4.53 -28.08
N VAL A 116 -11.11 -4.97 -27.38
CA VAL A 116 -12.40 -4.24 -27.40
C VAL A 116 -12.31 -3.01 -26.49
N GLU A 117 -11.84 -3.25 -25.26
CA GLU A 117 -11.78 -2.23 -24.19
CA GLU A 117 -11.49 -2.13 -24.41
C GLU A 117 -10.62 -2.58 -23.24
N ALA A 118 -9.85 -1.58 -22.78
CA ALA A 118 -9.00 -1.77 -21.63
C ALA A 118 -9.28 -0.64 -20.68
N LYS A 119 -9.76 -0.96 -19.48
CA LYS A 119 -10.08 0.13 -18.55
C LYS A 119 -10.11 -0.37 -17.13
N THR A 120 -10.08 0.56 -16.19
CA THR A 120 -10.21 0.23 -14.76
C THR A 120 -11.71 0.29 -14.48
N ILE A 121 -12.26 -0.80 -13.93
CA ILE A 121 -13.67 -0.77 -13.54
C ILE A 121 -13.81 -0.31 -12.10
N THR A 122 -14.99 0.26 -11.75
CA THR A 122 -15.20 0.64 -10.36
C THR A 122 -15.40 -0.61 -9.47
N GLY A 123 -15.17 -0.46 -8.17
CA GLY A 123 -15.47 -1.60 -7.26
C GLY A 123 -16.96 -1.94 -7.28
N ASN A 124 -17.87 -0.97 -7.57
CA ASN A 124 -19.31 -1.29 -7.73
C ASN A 124 -19.59 -2.20 -8.94
N ASP A 125 -18.89 -1.94 -10.07
CA ASP A 125 -18.99 -2.78 -11.29
C ASP A 125 -18.43 -4.15 -10.91
N GLU A 126 -17.27 -4.16 -10.21
CA GLU A 126 -16.61 -5.42 -9.83
C GLU A 126 -17.58 -6.25 -8.94
N ALA A 127 -18.29 -5.58 -7.99
CA ALA A 127 -19.27 -6.27 -7.09
C ALA A 127 -20.45 -6.86 -7.94
N LEU A 128 -20.94 -6.12 -8.94
CA LEU A 128 -22.08 -6.59 -9.78
C LEU A 128 -21.61 -7.84 -10.52
N PHE A 129 -20.41 -7.79 -11.12
CA PHE A 129 -19.85 -8.96 -11.83
C PHE A 129 -19.58 -10.17 -10.88
N ASP A 130 -19.10 -9.88 -9.65
CA ASP A 130 -18.98 -10.91 -8.60
C ASP A 130 -20.32 -11.67 -8.41
N TRP A 131 -21.40 -10.92 -8.23
CA TRP A 131 -22.72 -11.55 -7.93
C TRP A 131 -23.18 -12.34 -9.17
N LEU A 132 -23.05 -11.75 -10.37
CA LEU A 132 -23.47 -12.44 -11.60
C LEU A 132 -22.69 -13.73 -11.81
N ALA A 133 -21.38 -13.68 -11.53
CA ALA A 133 -20.50 -14.87 -11.76
C ALA A 133 -20.94 -16.03 -10.83
N VAL A 134 -21.11 -15.76 -9.53
CA VAL A 134 -21.46 -16.83 -8.61
C VAL A 134 -22.87 -17.36 -8.90
N ASN A 135 -23.81 -16.46 -9.18
CA ASN A 135 -25.19 -16.94 -9.42
C ASN A 135 -25.29 -17.68 -10.75
N TYR A 136 -24.48 -17.32 -11.75
CA TYR A 136 -24.47 -18.13 -12.96
C TYR A 136 -24.02 -19.59 -12.64
N LYS A 137 -22.95 -19.77 -11.88
CA LYS A 137 -22.48 -21.11 -11.43
C LYS A 137 -23.49 -21.85 -10.60
N LEU A 138 -24.27 -21.14 -9.77
CA LEU A 138 -25.34 -21.74 -8.94
C LEU A 138 -26.62 -22.05 -9.73
N ASP A 139 -26.69 -21.55 -10.96
CA ASP A 139 -27.81 -21.70 -11.88
C ASP A 139 -29.07 -21.00 -11.30
N THR A 140 -28.87 -19.82 -10.70
CA THR A 140 -29.98 -19.14 -10.06
C THR A 140 -30.49 -17.95 -10.88
N LEU A 141 -30.02 -17.80 -12.11
CA LEU A 141 -30.33 -16.58 -12.85
C LEU A 141 -31.50 -16.75 -13.78
N LYS A 142 -31.74 -17.97 -14.25
CA LYS A 142 -32.80 -18.17 -15.25
C LYS A 142 -34.22 -18.09 -14.68
N SER A 143 -34.35 -18.41 -13.39
CA SER A 143 -35.66 -18.46 -12.72
C SER A 143 -35.67 -17.56 -11.48
N VAL A 144 -36.83 -16.98 -11.14
CA VAL A 144 -36.98 -16.13 -9.94
C VAL A 144 -36.73 -16.95 -8.67
N GLN A 145 -35.94 -16.40 -7.74
CA GLN A 145 -35.51 -17.15 -6.56
C GLN A 145 -36.30 -16.79 -5.32
N ASN A 146 -36.53 -17.82 -4.50
CA ASN A 146 -37.14 -17.72 -3.20
C ASN A 146 -36.21 -17.27 -2.09
N LYS A 147 -34.92 -17.44 -2.27
CA LYS A 147 -33.99 -17.17 -1.20
C LYS A 147 -33.04 -16.06 -1.68
N SER A 148 -32.52 -15.29 -0.72
CA SER A 148 -31.53 -14.25 -1.03
C SER A 148 -30.09 -14.79 -0.98
N VAL A 149 -29.34 -14.62 -2.09
CA VAL A 149 -27.95 -15.05 -2.18
C VAL A 149 -27.08 -13.81 -2.10
N GLY A 150 -26.15 -13.83 -1.11
CA GLY A 150 -25.15 -12.76 -0.99
C GLY A 150 -23.77 -13.26 -1.35
N VAL A 151 -22.95 -12.37 -1.92
CA VAL A 151 -21.62 -12.72 -2.38
C VAL A 151 -20.65 -11.71 -1.78
N MET A 152 -19.51 -12.28 -1.40
CA MET A 152 -18.33 -11.53 -0.91
C MET A 152 -17.12 -11.90 -1.74
N ASP A 153 -16.34 -10.88 -2.15
CA ASP A 153 -15.11 -11.13 -2.90
C ASP A 153 -13.97 -10.48 -2.10
N MET A 154 -13.06 -11.34 -1.63
CA MET A 154 -11.93 -10.95 -0.80
C MET A 154 -10.68 -10.77 -1.68
N GLY A 155 -10.35 -9.52 -1.98
CA GLY A 155 -9.25 -9.28 -2.87
C GLY A 155 -7.98 -8.77 -2.13
N GLY A 156 -6.94 -8.45 -2.91
CA GLY A 156 -5.70 -7.94 -2.30
C GLY A 156 -5.73 -6.44 -1.93
N ALA A 157 -6.56 -5.63 -2.62
CA ALA A 157 -6.65 -4.17 -2.37
C ALA A 157 -8.05 -3.73 -1.99
N SER A 158 -9.09 -4.40 -2.54
CA SER A 158 -10.45 -4.10 -2.12
C SER A 158 -11.21 -5.39 -1.76
N VAL A 159 -12.30 -5.22 -1.01
CA VAL A 159 -13.27 -6.30 -0.78
C VAL A 159 -14.64 -5.83 -1.23
N GLN A 160 -15.43 -6.73 -1.88
CA GLN A 160 -16.83 -6.37 -2.25
C GLN A 160 -17.81 -7.18 -1.45
N ILE A 161 -19.00 -6.58 -1.26
CA ILE A 161 -20.16 -7.28 -0.70
C ILE A 161 -21.35 -6.86 -1.61
N VAL A 162 -22.24 -7.82 -1.95
CA VAL A 162 -23.35 -7.52 -2.83
C VAL A 162 -24.47 -8.50 -2.45
N PHE A 163 -25.70 -7.97 -2.38
CA PHE A 163 -26.88 -8.78 -2.01
C PHE A 163 -28.15 -8.11 -2.55
N PRO A 164 -29.24 -8.90 -2.71
CA PRO A 164 -30.50 -8.28 -3.15
C PRO A 164 -31.04 -7.22 -2.18
N MET A 165 -31.48 -6.08 -2.74
CA MET A 165 -32.10 -5.01 -1.93
C MET A 165 -33.00 -4.16 -2.84
N PRO A 166 -34.28 -3.88 -2.42
CA PRO A 166 -35.12 -3.06 -3.28
C PRO A 166 -34.54 -1.65 -3.39
N LYS A 167 -34.85 -0.95 -4.47
CA LYS A 167 -34.35 0.44 -4.64
C LYS A 167 -34.70 1.26 -3.38
N ASN A 168 -33.76 2.10 -2.94
CA ASN A 168 -33.90 2.92 -1.72
C ASN A 168 -33.41 4.35 -2.01
N ALA A 169 -34.35 5.32 -1.99
CA ALA A 169 -34.04 6.72 -2.34
C ALA A 169 -33.04 7.41 -1.37
N GLU A 170 -32.88 6.83 -0.19
CA GLU A 170 -31.97 7.39 0.83
C GLU A 170 -30.51 7.00 0.59
N ILE A 171 -30.29 6.06 -0.34
CA ILE A 171 -28.96 5.45 -0.58
C ILE A 171 -28.39 5.88 -1.93
N SER A 172 -27.08 6.17 -1.96
CA SER A 172 -26.43 6.59 -3.21
C SER A 172 -26.86 5.70 -4.36
N LYS A 173 -27.15 6.35 -5.50
CA LYS A 173 -27.35 5.66 -6.78
C LYS A 173 -26.18 4.71 -7.13
N HIS A 174 -24.94 5.10 -6.77
CA HIS A 174 -23.76 4.28 -7.11
C HIS A 174 -23.76 2.90 -6.40
N ASN A 175 -24.47 2.82 -5.26
CA ASN A 175 -24.53 1.57 -4.53
C ASN A 175 -25.72 0.65 -4.89
N GLN A 176 -26.43 0.98 -5.96
CA GLN A 176 -27.64 0.19 -6.26
C GLN A 176 -27.61 -0.09 -7.72
N VAL A 177 -27.97 -1.32 -8.08
CA VAL A 177 -27.98 -1.77 -9.50
C VAL A 177 -29.31 -2.46 -9.77
N GLU A 178 -29.98 -2.11 -10.88
CA GLU A 178 -31.19 -2.79 -11.33
C GLU A 178 -30.78 -3.57 -12.53
N LEU A 179 -30.98 -4.87 -12.47
CA LEU A 179 -30.46 -5.78 -13.47
C LEU A 179 -31.63 -6.52 -14.15
N ASN A 180 -31.67 -6.54 -15.48
CA ASN A 180 -32.55 -7.39 -16.24
C ASN A 180 -31.79 -8.50 -16.93
N ILE A 181 -32.08 -9.72 -16.54
CA ILE A 181 -31.36 -10.86 -17.11
C ILE A 181 -32.27 -12.06 -17.26
N TYR A 182 -32.26 -12.71 -18.41
CA TYR A 182 -33.14 -13.88 -18.66
C TYR A 182 -34.62 -13.58 -18.36
N GLY A 183 -35.03 -12.36 -18.72
CA GLY A 183 -36.37 -11.88 -18.52
C GLY A 183 -36.79 -11.57 -17.11
N GLN A 184 -35.87 -11.55 -16.16
CA GLN A 184 -36.22 -11.18 -14.78
C GLN A 184 -35.45 -9.95 -14.31
N ASN A 185 -36.09 -9.24 -13.41
CA ASN A 185 -35.63 -7.98 -12.91
C ASN A 185 -35.09 -8.17 -11.47
N ILE A 186 -33.85 -7.75 -11.22
CA ILE A 186 -33.13 -8.04 -9.97
C ILE A 186 -32.57 -6.73 -9.48
N ASN A 187 -32.87 -6.36 -8.22
CA ASN A 187 -32.30 -5.15 -7.61
C ASN A 187 -31.23 -5.55 -6.60
N LEU A 188 -30.05 -4.94 -6.78
CA LEU A 188 -28.93 -5.29 -5.92
C LEU A 188 -28.32 -4.11 -5.19
N TYR A 189 -27.91 -4.35 -3.92
CA TYR A 189 -26.97 -3.42 -3.25
C TYR A 189 -25.55 -3.89 -3.52
N VAL A 190 -24.67 -2.94 -3.91
CA VAL A 190 -23.26 -3.21 -4.20
C VAL A 190 -22.38 -2.26 -3.35
N HIS A 191 -21.29 -2.78 -2.79
CA HIS A 191 -20.31 -1.88 -2.13
C HIS A 191 -18.95 -2.50 -2.23
N SER A 192 -17.93 -1.64 -2.42
CA SER A 192 -16.55 -2.10 -2.44
C SER A 192 -15.80 -1.23 -1.44
N PHE A 193 -14.92 -1.83 -0.62
CA PHE A 193 -14.11 -1.03 0.35
C PHE A 193 -12.63 -1.03 -0.06
N LEU A 194 -12.19 0.09 -0.65
CA LEU A 194 -10.82 0.19 -1.15
C LEU A 194 -9.87 0.41 -0.01
N GLY A 195 -8.81 -0.37 0.03
CA GLY A 195 -7.87 -0.31 1.18
C GLY A 195 -8.10 -1.42 2.21
N LEU A 196 -9.24 -2.14 2.13
CA LEU A 196 -9.50 -3.23 3.03
C LEU A 196 -9.18 -4.59 2.43
N GLY A 197 -8.71 -4.64 1.20
CA GLY A 197 -8.10 -5.90 0.71
C GLY A 197 -6.91 -6.36 1.55
N GLN A 198 -6.50 -7.62 1.38
CA GLN A 198 -5.55 -8.24 2.26
C GLN A 198 -4.17 -7.57 2.26
N THR A 199 -3.67 -7.19 1.09
CA THR A 199 -2.31 -6.58 1.06
C THR A 199 -2.32 -5.21 1.72
N GLU A 200 -3.31 -4.38 1.36
CA GLU A 200 -3.36 -2.98 1.87
C GLU A 200 -3.61 -2.99 3.37
N MET A 201 -4.54 -3.84 3.79
CA MET A 201 -4.90 -3.91 5.24
C MET A 201 -3.61 -4.35 5.98
N SER A 202 -2.88 -5.36 5.44
CA SER A 202 -1.77 -5.96 6.23
C SER A 202 -0.69 -4.89 6.49
N HIS A 203 -0.59 -3.86 5.59
CA HIS A 203 0.44 -2.81 5.76
C HIS A 203 0.25 -1.90 6.99
N GLN A 204 -0.89 -2.10 7.69
CA GLN A 204 -1.17 -1.37 8.91
C GLN A 204 -0.87 -2.17 10.18
N PHE A 205 -0.54 -3.45 10.04
CA PHE A 205 -0.41 -4.33 11.18
C PHE A 205 0.89 -5.12 11.19
N LEU A 206 1.87 -4.72 10.37
CA LEU A 206 3.09 -5.57 10.26
C LEU A 206 3.91 -5.58 11.55
N ASN A 207 3.71 -4.56 12.40
CA ASN A 207 4.37 -4.58 13.73
C ASN A 207 3.51 -5.00 14.94
N SER A 208 2.41 -5.71 14.67
CA SER A 208 1.50 -6.18 15.70
C SER A 208 1.89 -7.63 16.06
N PRO A 209 2.56 -7.87 17.19
CA PRO A 209 2.94 -9.26 17.56
C PRO A 209 1.76 -10.23 17.58
N SER A 210 0.54 -9.78 17.91
CA SER A 210 -0.61 -10.71 18.04
C SER A 210 -1.02 -11.32 16.71
N CYS A 211 -0.56 -10.64 15.65
CA CYS A 211 -0.96 -10.98 14.26
C CYS A 211 -0.01 -11.93 13.54
N PHE A 212 1.05 -12.42 14.22
CA PHE A 212 2.09 -13.28 13.61
C PHE A 212 2.45 -14.46 14.49
N ALA A 213 2.91 -15.55 13.86
CA ALA A 213 3.20 -16.78 14.61
C ALA A 213 4.34 -16.46 15.65
N ASN A 214 4.42 -17.24 16.74
CA ASN A 214 5.46 -17.05 17.72
C ASN A 214 6.83 -16.99 17.08
N ASP A 215 7.61 -15.95 17.43
CA ASP A 215 8.98 -15.72 16.94
C ASP A 215 9.15 -15.35 15.46
N TYR A 216 8.03 -15.09 14.76
CA TYR A 216 8.12 -14.53 13.43
C TYR A 216 8.85 -13.14 13.57
N PRO A 217 9.85 -12.85 12.70
CA PRO A 217 10.55 -11.57 12.81
C PRO A 217 9.77 -10.37 12.28
N LEU A 218 9.27 -9.53 13.17
CA LEU A 218 8.60 -8.26 12.77
C LEU A 218 9.60 -7.24 12.28
N PRO A 219 9.18 -6.36 11.32
CA PRO A 219 10.18 -5.42 10.72
C PRO A 219 10.85 -4.49 11.79
N ASP A 220 10.15 -4.24 12.90
CA ASP A 220 10.73 -3.40 14.01
C ASP A 220 11.70 -4.15 14.97
N GLY A 221 11.88 -5.46 14.76
CA GLY A 221 12.84 -6.24 15.56
C GLY A 221 12.16 -7.01 16.67
N GLU A 222 10.88 -6.72 16.94
CA GLU A 222 10.16 -7.51 17.92
C GLU A 222 9.78 -8.88 17.28
N SER A 223 9.36 -9.81 18.13
CA SER A 223 8.98 -11.15 17.73
C SER A 223 7.47 -11.31 17.74
N GLY A 224 6.94 -12.09 16.79
CA GLY A 224 5.52 -12.43 16.79
C GLY A 224 5.20 -13.17 18.10
N GLN A 225 3.97 -12.95 18.54
CA GLN A 225 3.40 -13.66 19.71
C GLN A 225 1.90 -13.81 19.47
N GLY A 226 1.58 -14.80 18.65
CA GLY A 226 0.25 -14.80 17.99
C GLY A 226 -0.93 -14.98 18.91
N ASN A 227 -1.99 -14.24 18.64
CA ASN A 227 -3.25 -14.37 19.40
CA ASN A 227 -3.21 -14.26 19.45
C ASN A 227 -4.36 -13.77 18.57
N ALA A 228 -5.09 -14.69 17.94
CA ALA A 228 -6.06 -14.28 16.91
C ALA A 228 -7.14 -13.40 17.47
N PRO A 229 -7.71 -13.70 18.70
CA PRO A 229 -8.76 -12.73 19.12
C PRO A 229 -8.24 -11.31 19.29
N SER A 230 -7.01 -11.21 19.78
CA SER A 230 -6.35 -9.90 19.97
CA SER A 230 -6.37 -9.93 19.97
C SER A 230 -6.05 -9.20 18.64
N CYS A 231 -5.48 -9.96 17.70
CA CYS A 231 -5.23 -9.43 16.33
C CYS A 231 -6.54 -8.96 15.67
N LYS A 232 -7.59 -9.76 15.86
CA LYS A 232 -8.91 -9.45 15.32
C LYS A 232 -9.40 -8.13 15.87
N GLU A 233 -9.25 -7.87 17.19
CA GLU A 233 -9.66 -6.53 17.73
C GLU A 233 -8.89 -5.38 17.08
N GLU A 234 -7.59 -5.58 16.81
CA GLU A 234 -6.81 -4.52 16.09
C GLU A 234 -7.36 -4.28 14.69
N VAL A 235 -7.63 -5.36 13.95
CA VAL A 235 -8.14 -5.20 12.59
C VAL A 235 -9.55 -4.53 12.60
N THR A 236 -10.37 -4.86 13.61
CA THR A 236 -11.70 -4.26 13.72
C THR A 236 -11.64 -2.72 13.82
N SER A 237 -10.57 -2.17 14.43
CA SER A 237 -10.44 -0.69 14.49
C SER A 237 -10.34 -0.10 13.06
N LEU A 238 -9.60 -0.78 12.18
CA LEU A 238 -9.52 -0.28 10.78
C LEU A 238 -10.87 -0.47 10.06
N MET A 239 -11.55 -1.59 10.32
CA MET A 239 -12.87 -1.83 9.65
C MET A 239 -13.90 -0.78 10.05
N ASN A 240 -14.01 -0.49 11.38
CA ASN A 240 -15.14 0.26 11.92
C ASN A 240 -14.75 1.69 12.30
N SER A 241 -13.67 1.90 13.08
CA SER A 241 -13.29 3.27 13.47
CA SER A 241 -13.31 3.27 13.46
C SER A 241 -12.90 4.10 12.23
N VAL A 242 -12.20 3.48 11.30
CA VAL A 242 -11.73 4.18 10.10
C VAL A 242 -12.80 4.07 8.99
N HIS A 243 -13.01 2.84 8.45
CA HIS A 243 -13.92 2.70 7.32
C HIS A 243 -15.43 2.72 7.58
N LYS A 244 -15.83 2.61 8.85
CA LYS A 244 -17.26 2.56 9.20
C LYS A 244 -18.06 1.44 8.46
N VAL A 245 -17.42 0.25 8.29
CA VAL A 245 -18.06 -0.87 7.60
C VAL A 245 -19.40 -1.18 8.30
N ASN A 246 -19.35 -1.27 9.63
CA ASN A 246 -20.52 -1.68 10.44
C ASN A 246 -21.68 -0.74 10.23
N GLN A 247 -21.38 0.56 10.31
CA GLN A 247 -22.42 1.63 10.14
C GLN A 247 -23.06 1.58 8.75
N GLN A 248 -22.32 1.20 7.73
CA GLN A 248 -22.86 1.24 6.36
C GLN A 248 -23.60 -0.04 5.98
N ILE A 249 -23.08 -1.17 6.47
CA ILE A 249 -23.58 -2.47 6.04
C ILE A 249 -24.63 -3.07 7.00
N GLN A 250 -24.36 -3.07 8.31
CA GLN A 250 -25.27 -3.80 9.19
C GLN A 250 -26.74 -3.37 9.11
N PRO A 251 -27.04 -2.05 8.96
CA PRO A 251 -28.49 -1.65 8.94
C PRO A 251 -29.19 -2.22 7.71
N LEU A 252 -28.45 -2.36 6.60
CA LEU A 252 -29.01 -2.80 5.33
C LEU A 252 -29.24 -4.30 5.36
N LEU A 253 -28.32 -5.06 5.97
CA LEU A 253 -28.51 -6.53 6.08
C LEU A 253 -29.58 -6.90 7.08
N ALA A 254 -29.73 -6.08 8.15
CA ALA A 254 -30.83 -6.23 9.10
C ALA A 254 -32.18 -6.20 8.40
N LEU A 255 -32.31 -5.25 7.48
CA LEU A 255 -33.56 -5.07 6.74
C LEU A 255 -33.70 -5.96 5.52
N ASN A 256 -32.60 -6.53 5.04
CA ASN A 256 -32.62 -7.33 3.79
C ASN A 256 -31.79 -8.59 3.94
N PRO A 257 -32.22 -9.50 4.82
CA PRO A 257 -31.43 -10.65 5.24
C PRO A 257 -31.02 -11.54 4.08
N VAL A 258 -29.82 -12.07 4.16
CA VAL A 258 -29.29 -12.94 3.13
C VAL A 258 -29.48 -14.36 3.66
N ASN A 259 -29.95 -15.25 2.79
CA ASN A 259 -30.14 -16.64 3.24
C ASN A 259 -28.95 -17.54 3.04
N GLU A 260 -28.21 -17.33 1.92
CA GLU A 260 -26.99 -18.08 1.63
C GLU A 260 -25.88 -17.10 1.27
N TRP A 261 -24.72 -17.27 1.90
CA TRP A 261 -23.48 -16.53 1.60
C TRP A 261 -22.48 -17.36 0.81
N TYR A 262 -21.93 -16.75 -0.24
CA TYR A 262 -20.86 -17.35 -1.06
C TYR A 262 -19.71 -16.35 -1.07
N SER A 263 -18.50 -16.85 -0.84
CA SER A 263 -17.29 -16.03 -0.92
C SER A 263 -16.32 -16.56 -1.99
N ILE A 264 -15.66 -15.60 -2.66
CA ILE A 264 -14.60 -15.91 -3.63
C ILE A 264 -13.37 -15.06 -3.25
N GLY A 265 -12.25 -15.29 -3.93
CA GLY A 265 -11.03 -14.50 -3.61
C GLY A 265 -10.18 -15.29 -2.64
N GLY A 266 -9.39 -14.55 -1.85
CA GLY A 266 -8.29 -15.15 -1.07
C GLY A 266 -8.74 -16.13 0.03
N ILE A 267 -10.00 -15.98 0.48
CA ILE A 267 -10.53 -16.79 1.58
C ILE A 267 -10.62 -18.27 1.10
N SER A 268 -10.91 -18.48 -0.20
CA SER A 268 -10.93 -19.84 -0.79
C SER A 268 -9.56 -20.51 -0.66
N ASN A 269 -8.51 -19.74 -0.90
CA ASN A 269 -7.16 -20.26 -0.80
C ASN A 269 -6.76 -20.58 0.63
N LEU A 270 -7.04 -19.69 1.57
CA LEU A 270 -6.75 -19.97 2.98
C LEU A 270 -7.51 -21.19 3.47
N ALA A 271 -8.81 -21.21 3.19
CA ALA A 271 -9.71 -22.28 3.68
C ALA A 271 -9.28 -23.69 3.14
N SER A 272 -8.64 -23.71 1.95
CA SER A 272 -8.25 -24.91 1.23
C SER A 272 -6.87 -25.38 1.62
N SER A 273 -6.16 -24.57 2.42
CA SER A 273 -4.77 -24.93 2.72
C SER A 273 -4.65 -26.08 3.70
N GLN A 274 -3.48 -26.67 3.79
CA GLN A 274 -3.24 -27.84 4.64
CA GLN A 274 -3.37 -27.86 4.65
C GLN A 274 -3.50 -27.58 6.14
N LEU A 275 -3.21 -26.36 6.59
CA LEU A 275 -3.36 -26.03 8.03
C LEU A 275 -4.80 -25.99 8.51
N PHE A 276 -5.76 -25.73 7.62
CA PHE A 276 -7.18 -25.63 7.98
C PHE A 276 -7.92 -26.86 7.56
N HIS A 277 -9.05 -27.08 8.22
CA HIS A 277 -9.90 -28.22 7.90
C HIS A 277 -11.34 -27.78 7.87
N PHE A 278 -11.91 -27.85 6.69
CA PHE A 278 -13.33 -27.55 6.46
C PHE A 278 -13.87 -28.59 5.48
N GLU A 279 -15.13 -28.94 5.66
CA GLU A 279 -15.79 -29.88 4.76
C GLU A 279 -16.85 -29.21 3.97
N ASN A 280 -17.25 -29.86 2.85
CA ASN A 280 -18.35 -29.37 1.99
C ASN A 280 -18.18 -27.95 1.45
N SER A 281 -16.92 -27.52 1.31
CA SER A 281 -16.52 -26.17 0.79
C SER A 281 -17.30 -25.11 1.56
N GLU A 282 -17.37 -25.31 2.86
CA GLU A 282 -18.01 -24.25 3.67
C GLU A 282 -17.29 -24.11 5.01
N LEU A 283 -17.39 -22.92 5.59
CA LEU A 283 -16.68 -22.63 6.85
C LEU A 283 -17.62 -21.79 7.73
N THR A 284 -17.23 -21.60 9.00
CA THR A 284 -17.88 -20.58 9.83
C THR A 284 -16.80 -19.67 10.33
N ASN A 285 -17.18 -18.40 10.64
CA ASN A 285 -16.16 -17.47 11.14
C ASN A 285 -15.58 -17.98 12.48
N GLN A 286 -16.47 -18.50 13.35
CA GLN A 286 -16.02 -19.06 14.63
C GLN A 286 -14.92 -20.11 14.40
N SER A 287 -15.13 -21.02 13.45
CA SER A 287 -14.16 -22.09 13.24
C SER A 287 -12.88 -21.59 12.53
N LEU A 288 -13.06 -20.65 11.61
CA LEU A 288 -11.90 -20.04 10.97
C LEU A 288 -10.95 -19.36 12.00
N LEU A 289 -11.52 -18.58 12.93
CA LEU A 289 -10.69 -17.86 13.91
C LEU A 289 -10.01 -18.85 14.88
N GLN A 290 -10.77 -19.85 15.38
CA GLN A 290 -10.24 -20.84 16.33
C GLN A 290 -9.12 -21.66 15.67
N GLN A 291 -9.34 -22.08 14.41
CA GLN A 291 -8.27 -22.87 13.71
C GLN A 291 -7.00 -22.03 13.45
N GLY A 292 -7.21 -20.80 13.00
CA GLY A 292 -6.07 -19.92 12.75
C GLY A 292 -5.30 -19.71 14.05
N ASP A 293 -6.02 -19.50 15.14
CA ASP A 293 -5.37 -19.27 16.45
C ASP A 293 -4.56 -20.48 16.88
N ASN A 294 -5.15 -21.66 16.73
CA ASN A 294 -4.57 -22.85 17.29
C ASN A 294 -3.43 -23.38 16.43
N GLN A 295 -3.61 -23.31 15.10
CA GLN A 295 -2.72 -23.93 14.11
C GLN A 295 -1.57 -23.03 13.69
N ILE A 296 -1.77 -21.70 13.74
CA ILE A 296 -0.78 -20.79 13.24
C ILE A 296 -0.31 -19.78 14.31
N CYS A 297 -1.25 -18.99 14.83
CA CYS A 297 -0.88 -17.89 15.75
C CYS A 297 -0.01 -18.44 16.90
N HIS A 298 -0.44 -19.56 17.52
CA HIS A 298 0.22 -20.11 18.71
C HIS A 298 1.27 -21.19 18.40
N GLN A 299 1.82 -21.16 17.18
CA GLN A 299 2.82 -22.16 16.79
C GLN A 299 4.12 -21.42 16.55
N GLN A 300 5.23 -22.15 16.46
N GLN A 300 5.21 -22.18 16.48
CA GLN A 300 6.56 -21.51 16.37
CA GLN A 300 6.53 -21.57 16.29
C GLN A 300 6.95 -21.33 14.88
C GLN A 300 6.73 -21.29 14.79
N TRP A 301 7.14 -20.07 14.48
CA TRP A 301 7.34 -19.69 13.08
C TRP A 301 8.37 -20.57 12.33
N ASP A 302 9.54 -20.88 12.91
CA ASP A 302 10.57 -21.62 12.17
C ASP A 302 10.10 -23.02 11.82
N ILE A 303 9.36 -23.59 12.73
CA ILE A 303 8.81 -24.94 12.55
C ILE A 303 7.72 -24.96 11.47
N LEU A 304 6.80 -23.96 11.51
CA LEU A 304 5.74 -23.85 10.50
C LEU A 304 6.34 -23.63 9.13
N ASN A 305 7.29 -22.69 9.06
CA ASN A 305 7.93 -22.33 7.83
C ASN A 305 8.59 -23.56 7.20
N GLY A 306 9.31 -24.36 7.98
CA GLY A 306 9.95 -25.54 7.42
C GLY A 306 8.96 -26.62 7.02
N GLN A 307 7.82 -26.71 7.73
CA GLN A 307 6.79 -27.77 7.48
C GLN A 307 5.89 -27.49 6.25
N TYR A 308 5.73 -26.21 5.89
CA TYR A 308 4.85 -25.76 4.77
C TYR A 308 5.69 -24.89 3.83
N PRO A 309 6.72 -25.48 3.17
CA PRO A 309 7.62 -24.63 2.41
C PRO A 309 7.02 -24.06 1.11
N ASP A 310 5.83 -24.53 0.70
CA ASP A 310 5.13 -24.10 -0.56
C ASP A 310 4.04 -23.05 -0.31
N ASP A 311 3.64 -22.82 0.94
CA ASP A 311 2.59 -21.80 1.17
C ASP A 311 3.30 -20.44 1.18
N GLU A 312 3.39 -19.67 0.06
CA GLU A 312 4.10 -18.33 0.05
C GLU A 312 3.35 -17.24 0.85
N TYR A 313 2.14 -17.58 1.23
CA TYR A 313 1.37 -16.66 2.08
CA TYR A 313 1.20 -16.76 1.95
C TYR A 313 1.25 -17.09 3.52
N LEU A 314 1.96 -18.16 3.88
CA LEU A 314 1.88 -18.77 5.21
C LEU A 314 2.12 -17.75 6.34
N TYR A 315 3.07 -16.88 6.13
CA TYR A 315 3.44 -15.97 7.22
C TYR A 315 2.31 -15.04 7.59
N GLN A 316 1.33 -14.84 6.69
CA GLN A 316 0.16 -14.05 7.00
C GLN A 316 -1.07 -14.80 7.51
N TYR A 317 -0.99 -16.12 7.67
CA TYR A 317 -2.21 -16.90 7.97
C TYR A 317 -2.85 -16.56 9.36
N CYS A 318 -2.02 -16.28 10.38
CA CYS A 318 -2.57 -15.77 11.64
C CYS A 318 -3.35 -14.44 11.46
N LEU A 319 -2.71 -13.51 10.77
CA LEU A 319 -3.36 -12.25 10.47
C LEU A 319 -4.66 -12.42 9.62
N LEU A 320 -4.60 -13.29 8.61
CA LEU A 320 -5.74 -13.43 7.67
C LEU A 320 -6.95 -14.05 8.38
N SER A 321 -6.72 -15.06 9.20
CA SER A 321 -7.80 -15.67 9.99
C SER A 321 -8.51 -14.61 10.84
N SER A 322 -7.70 -13.73 11.46
CA SER A 322 -8.17 -12.65 12.34
C SER A 322 -8.95 -11.61 11.51
N TYR A 323 -8.37 -11.24 10.37
CA TYR A 323 -8.91 -10.19 9.51
C TYR A 323 -10.22 -10.64 8.88
N TYR A 324 -10.30 -11.90 8.44
CA TYR A 324 -11.56 -12.28 7.76
C TYR A 324 -12.74 -12.24 8.78
N TYR A 325 -12.44 -12.63 10.02
CA TYR A 325 -13.40 -12.55 11.12
C TYR A 325 -13.78 -11.10 11.40
N ALA A 326 -12.75 -10.25 11.55
CA ALA A 326 -13.03 -8.83 11.77
C ALA A 326 -13.97 -8.23 10.66
N LEU A 327 -13.71 -8.55 9.41
CA LEU A 327 -14.46 -8.02 8.30
C LEU A 327 -15.91 -8.58 8.33
N MET A 328 -16.02 -9.91 8.38
CA MET A 328 -17.38 -10.56 8.24
C MET A 328 -18.30 -10.40 9.47
N VAL A 329 -17.71 -10.63 10.64
CA VAL A 329 -18.47 -10.59 11.93
C VAL A 329 -18.59 -9.16 12.49
N ASP A 330 -17.44 -8.52 12.79
CA ASP A 330 -17.47 -7.16 13.31
C ASP A 330 -17.88 -6.08 12.29
N GLY A 331 -17.47 -6.22 11.02
CA GLY A 331 -17.86 -5.27 9.99
C GLY A 331 -19.29 -5.57 9.49
N TYR A 332 -19.44 -6.68 8.75
CA TYR A 332 -20.75 -6.94 8.08
C TYR A 332 -21.88 -7.37 9.05
N GLY A 333 -21.49 -7.84 10.22
CA GLY A 333 -22.45 -8.29 11.27
C GLY A 333 -22.93 -9.73 11.10
N ILE A 334 -22.23 -10.52 10.29
CA ILE A 334 -22.56 -11.92 10.07
C ILE A 334 -22.33 -12.71 11.38
N ASN A 335 -23.23 -13.62 11.74
CA ASN A 335 -23.09 -14.42 13.01
CA ASN A 335 -23.08 -14.37 13.00
C ASN A 335 -21.86 -15.30 12.91
N PRO A 336 -21.05 -15.42 14.00
CA PRO A 336 -19.86 -16.27 13.98
C PRO A 336 -20.18 -17.71 13.59
N ASN A 337 -21.42 -18.17 13.80
CA ASN A 337 -21.74 -19.60 13.48
C ASN A 337 -22.46 -19.73 12.16
N GLN A 338 -22.59 -18.63 11.42
CA GLN A 338 -23.27 -18.69 10.13
C GLN A 338 -22.40 -19.37 9.07
N THR A 339 -22.98 -20.33 8.33
CA THR A 339 -22.23 -21.00 7.22
C THR A 339 -21.89 -20.02 6.11
N ILE A 340 -20.63 -20.07 5.68
CA ILE A 340 -20.19 -19.26 4.52
C ILE A 340 -19.67 -20.29 3.49
N HIS A 341 -20.30 -20.38 2.30
CA HIS A 341 -19.77 -21.25 1.26
C HIS A 341 -18.57 -20.59 0.62
N TYR A 342 -17.56 -21.35 0.21
CA TYR A 342 -16.47 -20.78 -0.59
C TYR A 342 -16.31 -21.65 -1.83
N ILE A 343 -15.94 -21.02 -2.91
CA ILE A 343 -15.82 -21.73 -4.16
C ILE A 343 -14.41 -22.28 -4.19
N PRO A 344 -14.25 -23.59 -4.41
CA PRO A 344 -12.91 -24.16 -4.48
C PRO A 344 -12.00 -23.44 -5.52
N PRO A 345 -10.74 -23.15 -5.16
CA PRO A 345 -9.82 -22.34 -6.06
C PRO A 345 -9.61 -22.97 -7.43
N GLU A 346 -9.61 -24.32 -7.48
CA GLU A 346 -9.36 -25.00 -8.76
C GLU A 346 -10.49 -24.73 -9.79
N GLN A 347 -11.61 -24.16 -9.35
CA GLN A 347 -12.70 -23.84 -10.31
C GLN A 347 -12.47 -22.53 -11.10
N ASN A 348 -11.42 -21.79 -10.72
CA ASN A 348 -11.01 -20.54 -11.44
C ASN A 348 -12.13 -19.54 -11.60
N LEU A 349 -12.98 -19.46 -10.57
CA LEU A 349 -14.17 -18.63 -10.66
C LEU A 349 -13.82 -17.25 -10.12
N ASP A 350 -13.86 -16.27 -10.97
CA ASP A 350 -13.73 -14.92 -10.58
C ASP A 350 -14.91 -14.15 -11.21
N TRP A 351 -14.91 -12.86 -11.17
CA TRP A 351 -16.07 -12.11 -11.59
C TRP A 351 -16.16 -12.06 -13.14
N THR A 352 -15.16 -12.61 -13.87
CA THR A 352 -15.10 -12.38 -15.32
C THR A 352 -16.30 -13.00 -16.06
N ILE A 353 -16.89 -14.08 -15.49
CA ILE A 353 -18.14 -14.64 -16.08
C ILE A 353 -19.21 -13.53 -16.13
N GLY A 354 -19.22 -12.64 -15.12
CA GLY A 354 -20.14 -11.48 -15.14
C GLY A 354 -20.04 -10.60 -16.36
N VAL A 355 -18.81 -10.42 -16.88
CA VAL A 355 -18.57 -9.62 -18.11
C VAL A 355 -19.19 -10.34 -19.29
N VAL A 356 -19.07 -11.68 -19.35
CA VAL A 356 -19.63 -12.41 -20.48
C VAL A 356 -21.15 -12.09 -20.57
N LEU A 357 -21.83 -12.16 -19.41
CA LEU A 357 -23.29 -11.96 -19.26
C LEU A 357 -23.77 -10.53 -19.45
N HIS A 358 -22.99 -9.58 -18.96
CA HIS A 358 -23.47 -8.22 -18.82
C HIS A 358 -22.45 -7.35 -19.52
N ARG A 359 -22.60 -7.51 -20.82
CA ARG A 359 -22.43 -6.61 -21.98
C ARG A 359 -23.78 -6.75 -22.80
N ALA A 360 -24.53 -7.86 -22.55
CA ALA A 360 -25.77 -8.28 -23.32
C ALA A 360 -27.05 -7.72 -22.68
N LEU A 361 -26.94 -7.22 -21.43
CA LEU A 361 -28.12 -6.76 -20.64
C LEU A 361 -28.31 -5.26 -20.54
N ASN B 4 39.59 16.17 -9.38
CA ASN B 4 39.18 14.96 -8.60
C ASN B 4 39.02 15.12 -7.05
N PRO B 5 37.79 15.22 -6.54
CA PRO B 5 37.65 15.46 -5.06
C PRO B 5 38.14 14.31 -4.21
N CYS B 6 38.08 13.12 -4.73
CA CYS B 6 38.47 12.03 -3.90
C CYS B 6 39.97 11.78 -3.88
N GLU B 7 40.76 12.59 -4.59
CA GLU B 7 42.21 12.38 -4.51
CA GLU B 7 42.22 12.44 -4.57
C GLU B 7 42.74 13.15 -3.33
N LYS B 8 41.95 14.10 -2.79
CA LYS B 8 42.37 14.87 -1.60
C LYS B 8 41.54 14.68 -0.32
N HIS B 9 40.51 13.83 -0.40
CA HIS B 9 39.54 13.61 0.66
C HIS B 9 39.18 12.15 0.68
N SER B 10 38.69 11.67 1.83
CA SER B 10 38.00 10.38 1.85
C SER B 10 36.66 10.51 1.10
N CYS B 11 36.17 9.41 0.52
CA CYS B 11 34.89 9.42 -0.23
C CYS B 11 34.13 8.16 0.05
N ILE B 12 32.78 8.30 0.10
CA ILE B 12 31.90 7.14 0.35
C ILE B 12 30.63 7.36 -0.47
N ALA B 13 30.00 6.24 -0.89
CA ALA B 13 28.67 6.27 -1.55
C ALA B 13 27.63 5.69 -0.58
N VAL B 14 26.51 6.40 -0.41
CA VAL B 14 25.43 5.87 0.42
C VAL B 14 24.15 5.95 -0.44
N ILE B 15 23.42 4.83 -0.52
CA ILE B 15 22.18 4.81 -1.25
C ILE B 15 21.04 4.69 -0.28
N ASP B 16 20.12 5.66 -0.39
CA ASP B 16 18.83 5.63 0.29
C ASP B 16 17.85 4.92 -0.65
N ALA B 17 17.53 3.66 -0.38
CA ALA B 17 16.58 2.87 -1.21
C ALA B 17 15.24 3.00 -0.50
N GLY B 18 14.54 4.10 -0.80
CA GLY B 18 13.25 4.44 -0.15
C GLY B 18 12.05 3.83 -0.87
N SER B 19 10.86 4.01 -0.27
CA SER B 19 9.65 3.35 -0.76
C SER B 19 9.30 3.91 -2.15
N THR B 20 9.58 5.19 -2.40
CA THR B 20 9.17 5.80 -3.70
C THR B 20 10.30 5.92 -4.77
N GLY B 21 11.55 5.65 -4.39
CA GLY B 21 12.67 5.64 -5.33
C GLY B 21 13.99 5.49 -4.55
N SER B 22 15.13 5.46 -5.25
CA SER B 22 16.46 5.30 -4.62
C SER B 22 17.30 6.55 -4.92
N ARG B 23 18.09 6.99 -3.94
CA ARG B 23 18.90 8.18 -4.15
C ARG B 23 20.33 7.78 -3.80
N LEU B 24 21.20 7.84 -4.81
CA LEU B 24 22.63 7.62 -4.62
C LEU B 24 23.26 9.00 -4.26
N HIS B 25 24.03 9.01 -3.16
CA HIS B 25 24.83 10.21 -2.87
C HIS B 25 26.29 9.76 -2.77
N ILE B 26 27.21 10.56 -3.33
CA ILE B 26 28.63 10.33 -3.05
C ILE B 26 29.11 11.55 -2.26
N TYR B 27 29.72 11.30 -1.11
CA TYR B 27 30.22 12.35 -0.25
C TYR B 27 31.75 12.34 -0.17
N SER B 28 32.37 13.52 -0.26
CA SER B 28 33.79 13.64 0.18
C SER B 28 33.77 14.16 1.63
N TYR B 29 34.83 13.84 2.39
CA TYR B 29 34.97 14.30 3.76
C TYR B 29 36.41 14.20 4.24
N ASP B 30 36.70 15.00 5.24
CA ASP B 30 37.94 14.83 6.01
C ASP B 30 37.60 14.22 7.37
N THR B 31 38.58 14.01 8.23
CA THR B 31 38.24 13.55 9.56
C THR B 31 39.03 14.31 10.62
N ASP B 32 38.44 14.44 11.82
CA ASP B 32 39.07 15.16 12.91
C ASP B 32 40.01 14.16 13.65
N ASP B 33 40.50 14.56 14.81
CA ASP B 33 41.44 13.75 15.64
C ASP B 33 40.99 12.35 16.13
N THR B 34 39.72 12.01 15.95
CA THR B 34 39.21 10.70 16.35
C THR B 34 38.76 9.92 15.12
N ASN B 35 39.12 10.43 13.94
CA ASN B 35 38.71 9.84 12.66
C ASN B 35 37.22 9.96 12.48
N THR B 36 36.59 10.92 13.14
CA THR B 36 35.16 11.25 12.80
C THR B 36 35.03 12.23 11.61
N PRO B 37 34.07 11.94 10.68
CA PRO B 37 33.97 12.85 9.52
C PRO B 37 33.65 14.32 9.88
N ILE B 38 34.21 15.25 9.09
CA ILE B 38 33.94 16.67 9.12
C ILE B 38 34.03 17.12 7.66
N HIS B 39 33.58 18.36 7.38
CA HIS B 39 33.65 18.87 6.00
C HIS B 39 32.97 17.92 5.01
N ILE B 40 31.85 17.34 5.42
CA ILE B 40 31.11 16.41 4.52
C ILE B 40 30.47 17.21 3.39
N GLU B 41 30.80 16.85 2.14
CA GLU B 41 30.29 17.56 0.94
C GLU B 41 29.73 16.56 -0.04
N GLU B 42 28.52 16.80 -0.51
CA GLU B 42 27.94 15.95 -1.55
C GLU B 42 28.61 16.30 -2.89
N ILE B 43 29.24 15.34 -3.52
CA ILE B 43 29.88 15.57 -4.82
C ILE B 43 29.14 14.92 -5.99
N TRP B 44 28.11 14.10 -5.68
CA TRP B 44 27.28 13.48 -6.72
C TRP B 44 25.96 13.08 -6.08
N ASN B 45 24.88 13.26 -6.83
CA ASN B 45 23.52 12.82 -6.41
C ASN B 45 22.88 12.25 -7.68
N LYS B 46 22.25 11.07 -7.59
CA LYS B 46 21.36 10.60 -8.65
C LYS B 46 20.13 9.94 -8.02
N LYS B 47 18.95 10.25 -8.57
CA LYS B 47 17.65 9.79 -8.04
C LYS B 47 16.94 9.03 -9.13
N ILE B 48 16.42 7.87 -8.80
CA ILE B 48 15.61 7.11 -9.80
C ILE B 48 14.31 6.64 -9.09
N LYS B 49 13.29 6.41 -9.90
CA LYS B 49 12.00 5.90 -9.44
C LYS B 49 11.79 4.60 -10.24
N PRO B 50 10.92 3.68 -9.79
CA PRO B 50 10.15 3.63 -8.52
C PRO B 50 11.07 3.08 -7.40
N GLY B 51 10.48 2.76 -6.24
CA GLY B 51 11.23 2.14 -5.14
C GLY B 51 11.71 0.72 -5.52
N PHE B 52 12.92 0.38 -5.05
CA PHE B 52 13.54 -0.95 -5.26
C PHE B 52 12.65 -2.09 -4.88
N ALA B 53 11.94 -1.96 -3.76
CA ALA B 53 11.04 -3.05 -3.27
C ALA B 53 9.79 -3.17 -4.08
N SER B 54 9.65 -2.35 -5.12
CA SER B 54 8.37 -2.38 -5.88
C SER B 54 8.52 -3.08 -7.23
N ILE B 55 9.77 -3.34 -7.59
CA ILE B 55 10.12 -3.91 -8.87
C ILE B 55 10.27 -5.42 -8.79
N GLN B 56 10.09 -6.08 -9.94
CA GLN B 56 10.09 -7.54 -9.92
C GLN B 56 11.52 -8.02 -9.58
N PRO B 57 11.65 -8.92 -8.58
CA PRO B 57 13.02 -9.31 -8.11
C PRO B 57 13.73 -10.38 -8.97
N ASN B 58 14.00 -10.04 -10.21
CA ASN B 58 14.78 -10.97 -11.07
C ASN B 58 16.10 -10.33 -11.48
N SER B 59 17.08 -11.14 -11.87
CA SER B 59 18.41 -10.60 -12.19
C SER B 59 18.37 -9.57 -13.36
N VAL B 60 17.52 -9.78 -14.36
CA VAL B 60 17.42 -8.79 -15.45
C VAL B 60 16.93 -7.42 -14.99
N THR B 61 15.81 -7.39 -14.27
CA THR B 61 15.19 -6.13 -13.81
C THR B 61 16.08 -5.40 -12.81
N ILE B 62 16.75 -6.18 -11.94
CA ILE B 62 17.63 -5.60 -10.89
C ILE B 62 18.91 -5.01 -11.51
N ASP B 63 19.48 -5.68 -12.53
CA ASP B 63 20.68 -5.17 -13.27
C ASP B 63 20.36 -3.84 -13.95
N ALA B 64 19.19 -3.78 -14.61
CA ALA B 64 18.75 -2.54 -15.26
C ALA B 64 18.61 -1.41 -14.22
N TYR B 65 18.03 -1.74 -13.06
CA TYR B 65 17.75 -0.76 -11.99
C TYR B 65 19.10 -0.24 -11.43
N LEU B 66 20.00 -1.16 -11.09
CA LEU B 66 21.31 -0.79 -10.52
C LEU B 66 22.20 -0.03 -11.54
N THR B 67 22.11 -0.46 -12.79
CA THR B 67 22.74 0.24 -13.90
C THR B 67 22.24 1.65 -14.04
N MET B 68 20.92 1.83 -14.02
CA MET B 68 20.35 3.18 -14.16
C MET B 68 20.77 4.07 -12.97
N LEU B 69 20.92 3.46 -11.78
CA LEU B 69 21.27 4.22 -10.55
C LEU B 69 22.77 4.65 -10.51
N LEU B 70 23.67 3.76 -10.94
CA LEU B 70 25.12 3.86 -10.63
C LEU B 70 26.07 4.15 -11.83
N ALA B 71 25.65 3.76 -13.03
CA ALA B 71 26.54 3.74 -14.22
C ALA B 71 27.32 5.03 -14.50
N ASP B 72 26.63 6.17 -14.50
CA ASP B 72 27.22 7.44 -14.93
C ASP B 72 27.90 8.19 -13.78
N ALA B 73 28.01 7.56 -12.60
CA ALA B 73 28.72 8.19 -11.45
C ALA B 73 30.17 8.56 -11.82
N PRO B 74 30.60 9.77 -11.40
CA PRO B 74 31.87 10.25 -11.84
C PRO B 74 33.02 9.56 -11.09
N ILE B 75 32.72 8.81 -10.04
CA ILE B 75 33.77 8.30 -9.15
C ILE B 75 33.36 6.91 -8.77
N HIS B 76 34.29 6.01 -8.98
CA HIS B 76 34.19 4.63 -8.55
C HIS B 76 35.45 4.37 -7.67
N ASN B 77 35.58 3.13 -7.22
CA ASN B 77 36.68 2.69 -6.40
C ASN B 77 36.49 3.16 -4.97
N ILE B 78 35.23 3.15 -4.48
CA ILE B 78 34.93 3.67 -3.14
C ILE B 78 33.96 2.75 -2.43
N PRO B 79 33.94 2.76 -1.07
CA PRO B 79 32.94 1.94 -0.37
C PRO B 79 31.50 2.42 -0.64
N VAL B 80 30.57 1.46 -0.68
CA VAL B 80 29.14 1.72 -0.95
C VAL B 80 28.31 1.03 0.14
N TYR B 81 27.34 1.79 0.71
CA TYR B 81 26.29 1.28 1.55
C TYR B 81 24.99 1.36 0.80
N PHE B 82 24.26 0.23 0.75
CA PHE B 82 22.94 0.16 0.13
C PHE B 82 21.93 -0.11 1.25
N TYR B 83 21.23 0.95 1.67
CA TYR B 83 20.35 0.82 2.83
C TYR B 83 18.93 1.07 2.42
N ALA B 84 18.10 -0.01 2.50
CA ALA B 84 16.68 0.13 2.16
C ALA B 84 15.85 0.43 3.41
N THR B 85 14.77 1.17 3.20
CA THR B 85 13.92 1.58 4.33
C THR B 85 12.51 0.92 4.25
N ALA B 86 11.46 1.70 4.45
CA ALA B 86 10.15 1.13 4.76
C ALA B 86 9.54 0.40 3.59
N GLY B 87 9.90 0.77 2.37
CA GLY B 87 9.37 -0.02 1.21
C GLY B 87 9.74 -1.52 1.32
N MET B 88 11.00 -1.80 1.67
CA MET B 88 11.43 -3.18 1.86
CA MET B 88 11.46 -3.16 1.88
C MET B 88 10.86 -3.79 3.15
N ARG B 89 10.67 -2.97 4.20
CA ARG B 89 10.13 -3.47 5.47
C ARG B 89 8.68 -4.00 5.29
N LEU B 90 7.98 -3.56 4.22
CA LEU B 90 6.63 -4.09 3.87
C LEU B 90 6.63 -5.58 3.44
N LEU B 91 7.80 -6.12 3.07
CA LEU B 91 7.99 -7.49 2.49
C LEU B 91 8.54 -8.46 3.54
N PRO B 92 8.08 -9.72 3.52
CA PRO B 92 8.59 -10.70 4.46
C PRO B 92 10.08 -10.96 4.13
N GLN B 93 10.89 -11.44 5.09
CA GLN B 93 12.29 -11.67 4.87
C GLN B 93 12.57 -12.59 3.68
N SER B 94 11.73 -13.60 3.44
CA SER B 94 11.96 -14.52 2.33
C SER B 94 11.93 -13.81 0.98
N GLN B 95 11.12 -12.76 0.85
CA GLN B 95 11.02 -12.01 -0.39
C GLN B 95 12.16 -10.97 -0.44
N GLN B 96 12.46 -10.36 0.69
CA GLN B 96 13.63 -9.43 0.72
C GLN B 96 14.92 -10.16 0.38
N LYS B 97 15.08 -11.42 0.88
CA LYS B 97 16.28 -12.23 0.57
C LYS B 97 16.53 -12.34 -0.95
N LYS B 98 15.47 -12.46 -1.76
CA LYS B 98 15.62 -12.57 -3.25
C LYS B 98 16.29 -11.35 -3.81
N TYR B 99 15.85 -10.17 -3.35
CA TYR B 99 16.46 -8.91 -3.74
C TYR B 99 17.96 -8.89 -3.32
N TYR B 100 18.26 -9.24 -2.08
CA TYR B 100 19.65 -9.07 -1.61
C TYR B 100 20.58 -10.06 -2.25
N ASP B 101 20.08 -11.28 -2.49
CA ASP B 101 20.90 -12.31 -3.13
C ASP B 101 21.33 -11.81 -4.51
N GLU B 102 20.41 -11.22 -5.27
CA GLU B 102 20.69 -10.74 -6.63
C GLU B 102 21.61 -9.54 -6.59
N LEU B 103 21.31 -8.61 -5.69
CA LEU B 103 22.11 -7.42 -5.52
C LEU B 103 23.57 -7.85 -5.14
N ASP B 104 23.72 -8.80 -4.22
CA ASP B 104 25.06 -9.29 -3.84
C ASP B 104 25.81 -9.82 -5.07
N TYR B 105 25.13 -10.68 -5.85
CA TYR B 105 25.65 -11.18 -7.13
C TYR B 105 26.20 -10.07 -8.00
N TRP B 106 25.37 -9.05 -8.24
CA TRP B 106 25.71 -7.91 -9.08
C TRP B 106 27.01 -7.23 -8.64
N PHE B 107 27.12 -6.93 -7.35
CA PHE B 107 28.33 -6.29 -6.80
C PHE B 107 29.58 -7.20 -6.81
N ARG B 108 29.44 -8.51 -6.49
CA ARG B 108 30.62 -9.42 -6.48
C ARG B 108 31.20 -9.57 -7.88
N GLN B 109 30.42 -9.16 -8.89
CA GLN B 109 30.77 -9.36 -10.33
C GLN B 109 31.75 -8.29 -10.80
N GLN B 110 31.30 -7.05 -10.68
CA GLN B 110 32.09 -5.86 -11.06
C GLN B 110 33.21 -5.55 -10.03
N SER B 111 34.16 -4.69 -10.38
CA SER B 111 35.37 -4.48 -9.55
C SER B 111 35.67 -3.01 -9.15
N GLN B 112 34.71 -2.11 -9.33
CA GLN B 112 34.91 -0.67 -9.08
C GLN B 112 34.14 -0.19 -7.85
N TRP B 113 32.91 -0.66 -7.65
CA TRP B 113 32.24 -0.40 -6.38
C TRP B 113 32.68 -1.40 -5.32
N GLN B 114 32.87 -0.92 -4.09
CA GLN B 114 33.26 -1.78 -2.97
C GLN B 114 32.09 -1.90 -1.98
N LEU B 115 31.22 -2.88 -2.20
CA LEU B 115 30.04 -2.97 -1.34
C LEU B 115 30.44 -3.28 0.14
N VAL B 116 30.04 -2.43 1.09
CA VAL B 116 30.32 -2.69 2.51
C VAL B 116 29.13 -3.47 3.03
N GLU B 117 27.92 -2.96 2.82
CA GLU B 117 26.73 -3.64 3.36
C GLU B 117 25.53 -3.34 2.44
N ALA B 118 24.61 -4.30 2.23
CA ALA B 118 23.30 -4.06 1.57
C ALA B 118 22.30 -4.70 2.51
N LYS B 119 21.46 -3.88 3.15
CA LYS B 119 20.44 -4.45 4.04
C LYS B 119 19.27 -3.48 4.21
N THR B 120 18.21 -3.97 4.82
CA THR B 120 17.07 -3.15 5.18
C THR B 120 17.39 -2.69 6.59
N ILE B 121 17.38 -1.35 6.81
CA ILE B 121 17.66 -0.83 8.14
C ILE B 121 16.33 -0.76 8.91
N THR B 122 16.40 -0.86 10.24
CA THR B 122 15.18 -0.71 11.00
C THR B 122 14.74 0.75 10.95
N GLY B 123 13.46 0.98 11.27
CA GLY B 123 12.86 2.30 11.37
C GLY B 123 13.56 3.11 12.48
N ASN B 124 14.06 2.42 13.52
CA ASN B 124 14.74 3.12 14.63
C ASN B 124 16.13 3.62 14.17
N ASP B 125 16.81 2.85 13.31
CA ASP B 125 18.06 3.26 12.76
C ASP B 125 17.85 4.38 11.78
N GLU B 126 16.79 4.32 10.97
CA GLU B 126 16.47 5.38 10.01
C GLU B 126 16.25 6.69 10.81
N ALA B 127 15.54 6.60 11.95
CA ALA B 127 15.26 7.78 12.79
C ALA B 127 16.56 8.36 13.38
N LEU B 128 17.47 7.50 13.84
CA LEU B 128 18.79 7.97 14.32
C LEU B 128 19.54 8.70 13.20
N PHE B 129 19.59 8.09 12.01
CA PHE B 129 20.26 8.74 10.89
C PHE B 129 19.56 10.06 10.50
N ASP B 130 18.22 10.11 10.60
CA ASP B 130 17.44 11.35 10.36
C ASP B 130 17.97 12.47 11.29
N TRP B 131 18.06 12.15 12.57
CA TRP B 131 18.49 13.10 13.56
C TRP B 131 19.93 13.60 13.36
N LEU B 132 20.85 12.65 13.16
CA LEU B 132 22.27 13.01 12.84
C LEU B 132 22.39 13.86 11.58
N ALA B 133 21.65 13.54 10.48
CA ALA B 133 21.80 14.30 9.23
C ALA B 133 21.36 15.78 9.45
N VAL B 134 20.20 16.01 10.08
CA VAL B 134 19.69 17.37 10.20
C VAL B 134 20.61 18.16 11.15
N ASN B 135 20.98 17.57 12.30
CA ASN B 135 21.88 18.31 13.22
C ASN B 135 23.28 18.58 12.64
N TYR B 136 23.79 17.66 11.82
CA TYR B 136 25.00 17.92 11.07
C TYR B 136 24.81 19.21 10.24
N LYS B 137 23.74 19.27 9.46
CA LYS B 137 23.57 20.46 8.62
CA LYS B 137 23.45 20.42 8.61
C LYS B 137 23.33 21.76 9.40
N LEU B 138 22.68 21.69 10.58
CA LEU B 138 22.44 22.85 11.43
C LEU B 138 23.71 23.26 12.17
N ASP B 139 24.75 22.41 12.11
CA ASP B 139 26.01 22.69 12.85
C ASP B 139 25.77 22.73 14.38
N THR B 140 24.99 21.77 14.88
CA THR B 140 24.64 21.72 16.32
C THR B 140 25.32 20.56 17.07
N LEU B 141 26.08 19.74 16.35
CA LEU B 141 26.70 18.53 16.97
C LEU B 141 28.04 18.83 17.71
N LYS B 142 28.74 19.89 17.30
CA LYS B 142 30.09 20.27 17.81
C LYS B 142 30.08 20.57 19.30
N SER B 143 28.97 21.13 19.75
CA SER B 143 28.89 21.61 21.13
C SER B 143 27.54 21.30 21.78
N VAL B 144 27.57 21.24 23.12
CA VAL B 144 26.43 20.81 23.89
C VAL B 144 25.38 21.91 23.71
N GLN B 145 24.20 21.52 23.20
CA GLN B 145 23.12 22.46 22.91
C GLN B 145 22.33 22.77 24.18
N ASN B 146 21.90 24.05 24.26
CA ASN B 146 21.09 24.61 25.31
C ASN B 146 19.64 24.27 25.08
N LYS B 147 19.36 23.66 23.93
CA LYS B 147 17.99 23.50 23.49
C LYS B 147 17.84 22.15 22.86
N SER B 148 16.60 21.73 22.86
CA SER B 148 16.22 20.45 22.32
C SER B 148 15.78 20.61 20.84
N VAL B 149 16.44 19.87 19.93
CA VAL B 149 16.05 19.84 18.49
C VAL B 149 15.39 18.47 18.21
N GLY B 150 14.13 18.47 17.73
CA GLY B 150 13.42 17.23 17.37
C GLY B 150 13.37 17.18 15.85
N VAL B 151 13.35 15.98 15.31
CA VAL B 151 13.29 15.82 13.83
C VAL B 151 12.15 14.85 13.50
N MET B 152 11.46 15.16 12.40
CA MET B 152 10.41 14.32 11.82
C MET B 152 10.76 14.03 10.37
N ASP B 153 10.58 12.77 9.95
CA ASP B 153 10.89 12.41 8.56
C ASP B 153 9.58 11.79 8.03
N MET B 154 8.98 12.46 7.06
CA MET B 154 7.69 12.10 6.46
C MET B 154 7.97 11.31 5.18
N GLY B 155 7.90 9.96 5.23
CA GLY B 155 8.21 9.15 4.05
C GLY B 155 6.95 8.61 3.38
N GLY B 156 7.14 7.75 2.36
CA GLY B 156 6.02 7.19 1.61
C GLY B 156 5.33 6.06 2.33
N ALA B 157 6.10 5.25 3.06
CA ALA B 157 5.55 4.08 3.76
C ALA B 157 5.69 4.15 5.28
N SER B 158 6.74 4.81 5.84
CA SER B 158 6.85 5.04 7.28
C SER B 158 7.09 6.55 7.57
N VAL B 159 6.82 6.94 8.82
CA VAL B 159 7.25 8.24 9.32
C VAL B 159 8.11 8.01 10.56
N GLN B 160 9.14 8.83 10.74
CA GLN B 160 9.93 8.76 11.98
C GLN B 160 9.75 10.03 12.81
N ILE B 161 9.95 9.87 14.13
CA ILE B 161 10.10 10.99 15.05
C ILE B 161 11.29 10.67 15.99
N VAL B 162 12.08 11.71 16.34
CA VAL B 162 13.30 11.45 17.13
C VAL B 162 13.63 12.74 17.87
N PHE B 163 13.94 12.65 19.18
CA PHE B 163 14.22 13.86 19.94
C PHE B 163 15.02 13.46 21.17
N PRO B 164 15.73 14.42 21.78
CA PRO B 164 16.57 14.07 22.94
C PRO B 164 15.72 13.57 24.10
N MET B 165 16.26 12.58 24.85
CA MET B 165 15.59 12.06 26.04
C MET B 165 16.68 11.45 26.91
N PRO B 166 16.79 11.89 28.18
CA PRO B 166 17.86 11.32 29.02
C PRO B 166 17.64 9.84 29.20
N LYS B 167 18.75 9.12 29.39
CA LYS B 167 18.70 7.69 29.61
C LYS B 167 17.82 7.38 30.83
N ASN B 168 17.02 6.34 30.71
CA ASN B 168 16.22 5.94 31.84
C ASN B 168 15.79 4.46 31.88
N ALA B 169 15.50 3.99 33.08
CA ALA B 169 15.07 2.60 33.29
C ALA B 169 13.63 2.34 32.83
N GLU B 170 12.86 3.42 32.64
CA GLU B 170 11.41 3.34 32.37
C GLU B 170 11.02 2.85 30.98
N ILE B 171 11.59 3.46 29.94
CA ILE B 171 11.23 3.20 28.53
C ILE B 171 12.03 2.02 27.97
N SER B 172 11.39 1.27 27.07
CA SER B 172 12.07 0.20 26.33
C SER B 172 13.44 0.66 25.75
N LYS B 173 14.46 -0.17 26.02
CA LYS B 173 15.79 0.10 25.49
C LYS B 173 15.78 0.07 23.94
N HIS B 174 14.82 -0.70 23.41
CA HIS B 174 14.59 -0.78 21.98
C HIS B 174 14.35 0.63 21.32
N ASN B 175 13.77 1.60 22.03
CA ASN B 175 13.54 2.96 21.44
C ASN B 175 14.42 4.08 22.02
N GLN B 176 15.53 3.72 22.67
CA GLN B 176 16.50 4.71 23.21
C GLN B 176 17.81 4.41 22.53
N VAL B 177 18.54 5.44 22.14
CA VAL B 177 19.85 5.31 21.50
C VAL B 177 20.80 6.32 22.13
N GLU B 178 22.00 5.83 22.42
CA GLU B 178 23.05 6.63 23.02
C GLU B 178 24.19 6.73 22.03
N LEU B 179 24.70 7.93 21.78
CA LEU B 179 25.87 8.00 20.94
C LEU B 179 26.83 9.04 21.45
N ASN B 180 28.09 8.85 21.12
CA ASN B 180 29.12 9.81 21.47
CA ASN B 180 29.11 9.83 21.45
C ASN B 180 29.70 10.35 20.16
N ILE B 181 29.62 11.67 19.95
CA ILE B 181 30.11 12.25 18.70
C ILE B 181 30.75 13.59 19.00
N TYR B 182 31.88 13.87 18.34
CA TYR B 182 32.64 15.09 18.58
C TYR B 182 32.84 15.34 20.08
N GLY B 183 33.05 14.27 20.83
CA GLY B 183 33.40 14.38 22.27
C GLY B 183 32.18 14.63 23.14
N GLN B 184 30.98 14.47 22.58
CA GLN B 184 29.77 14.70 23.37
C GLN B 184 28.78 13.55 23.35
N ASN B 185 28.14 13.39 24.51
CA ASN B 185 27.26 12.29 24.78
C ASN B 185 25.81 12.72 24.52
N ILE B 186 25.13 12.06 23.59
CA ILE B 186 23.75 12.40 23.18
C ILE B 186 22.87 11.16 23.38
N ASN B 187 21.75 11.31 24.07
CA ASN B 187 20.74 10.27 24.27
CA ASN B 187 20.74 10.19 24.17
C ASN B 187 19.41 10.67 23.58
N LEU B 188 18.88 9.80 22.70
CA LEU B 188 17.69 10.13 21.90
C LEU B 188 16.62 9.08 22.08
N TYR B 189 15.34 9.53 22.05
CA TYR B 189 14.23 8.63 21.83
C TYR B 189 14.00 8.55 20.32
N VAL B 190 13.80 7.33 19.79
CA VAL B 190 13.54 7.14 18.36
C VAL B 190 12.27 6.31 18.18
N HIS B 191 11.48 6.62 17.14
CA HIS B 191 10.32 5.76 16.81
C HIS B 191 9.97 5.90 15.30
N SER B 192 9.49 4.80 14.71
CA SER B 192 9.06 4.82 13.37
C SER B 192 7.72 4.11 13.34
N PHE B 193 6.81 4.60 12.51
CA PHE B 193 5.45 4.03 12.38
C PHE B 193 5.26 3.54 10.95
N LEU B 194 5.26 2.21 10.76
CA LEU B 194 5.15 1.60 9.44
C LEU B 194 3.68 1.58 9.04
N GLY B 195 3.41 1.96 7.80
CA GLY B 195 2.05 2.08 7.26
C GLY B 195 1.49 3.50 7.41
N LEU B 196 2.17 4.39 8.15
CA LEU B 196 1.66 5.78 8.25
C LEU B 196 2.36 6.76 7.30
N GLY B 197 3.29 6.25 6.45
CA GLY B 197 3.85 7.10 5.38
C GLY B 197 2.72 7.51 4.42
N GLN B 198 2.95 8.54 3.62
CA GLN B 198 1.89 9.14 2.82
CA GLN B 198 1.85 9.11 2.82
C GLN B 198 1.22 8.17 1.79
N THR B 199 2.02 7.29 1.14
CA THR B 199 1.50 6.37 0.10
C THR B 199 0.62 5.33 0.75
N GLU B 200 1.13 4.72 1.80
CA GLU B 200 0.34 3.69 2.49
C GLU B 200 -0.93 4.23 3.16
N MET B 201 -0.80 5.37 3.88
CA MET B 201 -1.90 6.05 4.54
C MET B 201 -2.99 6.34 3.45
N SER B 202 -2.58 6.89 2.29
CA SER B 202 -3.55 7.43 1.28
C SER B 202 -4.46 6.27 0.78
N HIS B 203 -3.95 5.03 0.81
CA HIS B 203 -4.73 3.87 0.30
C HIS B 203 -5.95 3.53 1.14
N GLN B 204 -6.08 4.18 2.30
CA GLN B 204 -7.24 3.99 3.17
C GLN B 204 -8.34 5.05 2.93
N PHE B 205 -8.04 6.09 2.16
CA PHE B 205 -8.92 7.30 2.08
C PHE B 205 -9.23 7.74 0.64
N LEU B 206 -8.97 6.87 -0.35
CA LEU B 206 -9.12 7.33 -1.75
C LEU B 206 -10.57 7.54 -2.14
N ASN B 207 -11.52 6.91 -1.42
CA ASN B 207 -12.93 7.18 -1.70
C ASN B 207 -13.57 8.12 -0.68
N SER B 208 -12.75 8.92 0.04
CA SER B 208 -13.27 9.88 1.04
C SER B 208 -13.52 11.24 0.31
N PRO B 209 -14.80 11.64 0.06
CA PRO B 209 -14.97 12.92 -0.69
C PRO B 209 -14.35 14.13 0.05
N SER B 210 -14.31 14.09 1.39
CA SER B 210 -13.74 15.22 2.17
C SER B 210 -12.26 15.42 1.89
N CYS B 211 -11.58 14.42 1.33
CA CYS B 211 -10.13 14.47 1.17
C CYS B 211 -9.66 14.92 -0.23
N PHE B 212 -10.60 15.30 -1.12
CA PHE B 212 -10.26 15.70 -2.48
C PHE B 212 -11.01 16.95 -2.91
N ALA B 213 -10.47 17.61 -3.93
CA ALA B 213 -11.11 18.82 -4.44
C ALA B 213 -12.56 18.53 -4.96
N ASN B 214 -13.43 19.53 -4.97
CA ASN B 214 -14.84 19.37 -5.48
C ASN B 214 -14.83 18.78 -6.88
N ASP B 215 -15.64 17.73 -7.10
CA ASP B 215 -15.74 17.11 -8.39
C ASP B 215 -14.52 16.33 -8.87
N TYR B 216 -13.50 16.15 -8.02
CA TYR B 216 -12.40 15.28 -8.35
C TYR B 216 -13.01 13.86 -8.51
N PRO B 217 -12.63 13.13 -9.58
CA PRO B 217 -13.29 11.84 -9.76
C PRO B 217 -12.71 10.71 -8.82
N LEU B 218 -13.42 10.34 -7.75
CA LEU B 218 -12.97 9.25 -6.89
C LEU B 218 -13.03 7.87 -7.58
N PRO B 219 -12.13 6.92 -7.19
CA PRO B 219 -12.07 5.63 -7.94
C PRO B 219 -13.42 4.90 -8.01
N ASP B 220 -14.24 5.04 -6.97
CA ASP B 220 -15.56 4.38 -6.91
C ASP B 220 -16.68 5.05 -7.73
N GLY B 221 -16.39 6.18 -8.38
CA GLY B 221 -17.41 6.86 -9.16
C GLY B 221 -18.07 8.04 -8.44
N GLU B 222 -17.85 8.21 -7.12
CA GLU B 222 -18.39 9.39 -6.44
C GLU B 222 -17.47 10.62 -6.71
N SER B 223 -17.92 11.80 -6.32
CA SER B 223 -17.16 13.04 -6.55
C SER B 223 -16.50 13.62 -5.32
N GLY B 224 -15.33 14.20 -5.47
CA GLY B 224 -14.74 14.97 -4.33
C GLY B 224 -15.69 16.07 -3.82
N GLN B 225 -15.60 16.35 -2.53
CA GLN B 225 -16.30 17.45 -1.91
C GLN B 225 -15.45 17.86 -0.71
N GLY B 226 -14.43 18.68 -0.96
CA GLY B 226 -13.29 18.71 -0.01
C GLY B 226 -13.65 19.44 1.26
N ASN B 227 -13.10 18.97 2.38
CA ASN B 227 -13.33 19.63 3.68
C ASN B 227 -12.15 19.15 4.58
N ALA B 228 -11.11 19.98 4.68
CA ALA B 228 -9.92 19.58 5.41
C ALA B 228 -10.15 19.14 6.86
N PRO B 229 -10.96 19.89 7.63
CA PRO B 229 -11.19 19.42 9.01
C PRO B 229 -11.81 18.04 9.07
N SER B 230 -12.74 17.76 8.16
N SER B 230 -12.73 17.76 8.15
CA SER B 230 -13.36 16.45 8.11
CA SER B 230 -13.39 16.46 8.11
C SER B 230 -12.35 15.39 7.66
C SER B 230 -12.44 15.36 7.59
N CYS B 231 -11.60 15.70 6.60
CA CYS B 231 -10.58 14.78 6.11
C CYS B 231 -9.56 14.48 7.22
N LYS B 232 -9.12 15.54 7.93
CA LYS B 232 -8.19 15.35 9.05
C LYS B 232 -8.76 14.42 10.13
N GLU B 233 -10.06 14.57 10.48
CA GLU B 233 -10.68 13.68 11.50
C GLU B 233 -10.62 12.22 11.05
N GLU B 234 -10.83 11.95 9.76
CA GLU B 234 -10.78 10.57 9.23
C GLU B 234 -9.35 10.05 9.38
N VAL B 235 -8.37 10.88 9.03
CA VAL B 235 -6.95 10.42 9.09
C VAL B 235 -6.54 10.18 10.57
N THR B 236 -7.03 11.03 11.47
CA THR B 236 -6.72 10.85 12.91
C THR B 236 -7.23 9.49 13.44
N SER B 237 -8.38 8.99 12.95
CA SER B 237 -8.81 7.63 13.42
CA SER B 237 -8.80 7.62 13.38
C SER B 237 -7.78 6.56 13.07
N LEU B 238 -7.11 6.69 11.91
CA LEU B 238 -6.03 5.71 11.60
C LEU B 238 -4.81 5.95 12.50
N MET B 239 -4.48 7.21 12.74
CA MET B 239 -3.33 7.56 13.62
C MET B 239 -3.52 6.98 15.01
N ASN B 240 -4.71 7.23 15.60
CA ASN B 240 -4.90 7.00 17.05
C ASN B 240 -5.72 5.73 17.36
N SER B 241 -6.88 5.51 16.74
CA SER B 241 -7.67 4.34 17.04
CA SER B 241 -7.68 4.33 17.03
C SER B 241 -6.95 3.09 16.58
N VAL B 242 -6.24 3.16 15.44
CA VAL B 242 -5.51 1.98 14.99
C VAL B 242 -4.05 1.99 15.56
N HIS B 243 -3.25 2.96 15.12
CA HIS B 243 -1.83 2.95 15.61
C HIS B 243 -1.48 3.43 17.02
N LYS B 244 -2.42 4.07 17.70
CA LYS B 244 -2.20 4.63 19.06
C LYS B 244 -0.97 5.56 19.08
N VAL B 245 -0.76 6.35 17.98
CA VAL B 245 0.36 7.31 17.97
C VAL B 245 0.34 8.21 19.23
N ASN B 246 -0.82 8.77 19.53
CA ASN B 246 -0.92 9.70 20.68
C ASN B 246 -0.50 9.10 22.01
N GLN B 247 -0.98 7.89 22.28
CA GLN B 247 -0.67 7.22 23.55
C GLN B 247 0.84 6.95 23.67
N GLN B 248 1.49 6.69 22.53
CA GLN B 248 2.89 6.29 22.58
C GLN B 248 3.80 7.51 22.68
N ILE B 249 3.43 8.57 21.99
CA ILE B 249 4.32 9.73 21.81
C ILE B 249 4.10 10.90 22.77
N GLN B 250 2.85 11.26 22.98
CA GLN B 250 2.55 12.46 23.74
C GLN B 250 3.09 12.48 25.18
N PRO B 251 3.02 11.33 25.94
CA PRO B 251 3.60 11.38 27.32
C PRO B 251 5.12 11.67 27.32
N LEU B 252 5.85 11.16 26.33
CA LEU B 252 7.29 11.36 26.28
C LEU B 252 7.63 12.80 25.91
N LEU B 253 6.88 13.38 24.98
CA LEU B 253 7.14 14.78 24.61
C LEU B 253 6.75 15.70 25.75
N ALA B 254 5.72 15.32 26.52
CA ALA B 254 5.35 16.16 27.66
C ALA B 254 6.55 16.20 28.63
N LEU B 255 7.21 15.06 28.83
CA LEU B 255 8.37 14.94 29.80
C LEU B 255 9.68 15.52 29.22
N ASN B 256 9.79 15.54 27.90
CA ASN B 256 11.04 15.89 27.19
C ASN B 256 10.72 16.92 26.09
N PRO B 257 10.36 18.15 26.47
CA PRO B 257 9.87 19.08 25.43
C PRO B 257 10.90 19.49 24.38
N VAL B 258 10.42 19.66 23.15
CA VAL B 258 11.26 20.03 22.01
C VAL B 258 11.15 21.52 21.81
N ASN B 259 12.29 22.21 21.75
CA ASN B 259 12.31 23.66 21.46
C ASN B 259 12.23 24.00 19.98
N GLU B 260 12.94 23.22 19.13
CA GLU B 260 12.88 23.47 17.68
CA GLU B 260 12.97 23.46 17.67
C GLU B 260 12.61 22.17 16.94
N TRP B 261 11.59 22.20 16.06
CA TRP B 261 11.23 21.04 15.22
C TRP B 261 11.71 21.28 13.78
N TYR B 262 12.38 20.25 13.24
CA TYR B 262 12.77 20.23 11.84
C TYR B 262 12.14 19.00 11.17
N SER B 263 11.68 19.20 9.93
CA SER B 263 11.02 18.14 9.18
CA SER B 263 11.11 18.08 9.22
C SER B 263 11.72 17.95 7.84
N ILE B 264 11.80 16.69 7.39
CA ILE B 264 12.31 16.37 6.06
C ILE B 264 11.33 15.32 5.44
N GLY B 265 11.56 14.98 4.18
CA GLY B 265 10.64 14.09 3.47
C GLY B 265 9.56 14.87 2.71
N GLY B 266 8.37 14.27 2.57
CA GLY B 266 7.33 14.78 1.63
C GLY B 266 6.83 16.17 1.98
N ILE B 267 6.87 16.51 3.28
CA ILE B 267 6.32 17.80 3.74
C ILE B 267 7.10 18.96 3.12
N SER B 268 8.41 18.79 2.92
CA SER B 268 9.23 19.82 2.23
C SER B 268 8.73 20.07 0.80
N ASN B 269 8.37 18.99 0.10
CA ASN B 269 7.90 19.19 -1.26
C ASN B 269 6.54 19.87 -1.35
N LEU B 270 5.66 19.50 -0.44
CA LEU B 270 4.32 20.12 -0.38
CA LEU B 270 4.31 20.12 -0.37
C LEU B 270 4.42 21.60 -0.03
N ALA B 271 5.23 21.90 1.02
CA ALA B 271 5.24 23.25 1.62
C ALA B 271 5.89 24.20 0.62
N SER B 272 6.80 23.64 -0.21
CA SER B 272 7.56 24.35 -1.28
C SER B 272 6.82 24.50 -2.57
N SER B 273 5.64 23.92 -2.66
CA SER B 273 4.95 23.91 -3.95
C SER B 273 4.35 25.29 -4.24
N GLN B 274 3.88 25.49 -5.47
CA GLN B 274 3.33 26.74 -5.84
C GLN B 274 2.00 27.05 -5.20
N LEU B 275 1.32 25.99 -4.74
CA LEU B 275 0.00 26.14 -4.04
C LEU B 275 0.06 26.72 -2.60
N PHE B 276 1.19 26.53 -1.92
CA PHE B 276 1.30 26.91 -0.55
C PHE B 276 2.23 28.10 -0.43
N HIS B 277 2.05 28.90 0.61
CA HIS B 277 2.87 30.12 0.85
C HIS B 277 3.35 30.09 2.29
N PHE B 278 4.67 29.92 2.48
CA PHE B 278 5.30 29.95 3.81
C PHE B 278 6.55 30.83 3.71
N GLU B 279 6.88 31.54 4.78
CA GLU B 279 8.11 32.31 4.78
CA GLU B 279 8.08 32.39 4.91
C GLU B 279 9.18 31.55 5.55
N ASN B 280 10.44 31.81 5.18
CA ASN B 280 11.61 31.37 5.98
C ASN B 280 11.67 29.86 6.17
N SER B 281 11.15 29.12 5.17
CA SER B 281 11.15 27.66 5.20
C SER B 281 10.60 27.11 6.52
N GLU B 282 9.49 27.67 7.01
CA GLU B 282 8.84 27.14 8.16
C GLU B 282 7.32 27.29 8.01
N LEU B 283 6.59 26.45 8.72
CA LEU B 283 5.13 26.44 8.62
C LEU B 283 4.55 26.29 10.02
N THR B 284 3.24 26.47 10.18
CA THR B 284 2.54 25.95 11.37
C THR B 284 1.47 24.97 10.83
N ASN B 285 1.07 24.04 11.70
CA ASN B 285 0.04 23.07 11.32
C ASN B 285 -1.27 23.77 11.04
N GLN B 286 -1.65 24.76 11.86
CA GLN B 286 -2.90 25.46 11.58
CA GLN B 286 -2.82 25.66 11.63
C GLN B 286 -2.87 26.18 10.20
N SER B 287 -1.76 26.83 9.83
CA SER B 287 -1.65 27.49 8.49
C SER B 287 -1.71 26.50 7.32
N LEU B 288 -1.00 25.38 7.49
CA LEU B 288 -0.98 24.32 6.50
C LEU B 288 -2.41 23.81 6.25
N LEU B 289 -3.13 23.50 7.33
CA LEU B 289 -4.49 22.98 7.18
C LEU B 289 -5.40 24.04 6.50
N GLN B 290 -5.30 25.32 6.94
CA GLN B 290 -6.13 26.43 6.39
CA GLN B 290 -6.14 26.44 6.39
C GLN B 290 -5.88 26.61 4.88
N GLN B 291 -4.60 26.61 4.52
CA GLN B 291 -4.22 26.76 3.14
C GLN B 291 -4.69 25.58 2.26
N GLY B 292 -4.49 24.33 2.72
CA GLY B 292 -4.94 23.20 1.90
C GLY B 292 -6.47 23.27 1.76
N ASP B 293 -7.17 23.64 2.84
CA ASP B 293 -8.65 23.68 2.81
C ASP B 293 -9.14 24.72 1.78
N ASN B 294 -8.55 25.92 1.82
CA ASN B 294 -8.99 27.02 0.93
C ASN B 294 -8.56 26.83 -0.52
N GLN B 295 -7.33 26.38 -0.73
CA GLN B 295 -6.69 26.43 -2.04
C GLN B 295 -6.75 25.11 -2.82
N ILE B 296 -7.13 24.02 -2.16
CA ILE B 296 -7.35 22.74 -2.86
C ILE B 296 -8.74 22.16 -2.49
N CYS B 297 -9.01 21.95 -1.20
CA CYS B 297 -10.25 21.17 -0.82
C CYS B 297 -11.50 21.82 -1.40
N HIS B 298 -11.61 23.13 -1.29
CA HIS B 298 -12.83 23.81 -1.67
C HIS B 298 -12.76 24.38 -3.09
N GLN B 299 -11.88 23.87 -3.92
CA GLN B 299 -11.77 24.36 -5.31
C GLN B 299 -12.47 23.32 -6.28
N GLN B 300 -12.94 23.79 -7.43
CA GLN B 300 -13.43 22.90 -8.48
CA GLN B 300 -13.42 22.95 -8.51
C GLN B 300 -12.22 22.30 -9.20
N TRP B 301 -12.18 20.98 -9.15
CA TRP B 301 -11.01 20.20 -9.61
C TRP B 301 -10.53 20.52 -11.03
N ASP B 302 -11.42 20.47 -12.03
CA ASP B 302 -10.94 20.70 -13.40
CA ASP B 302 -10.98 20.72 -13.39
C ASP B 302 -10.34 22.10 -13.60
N ILE B 303 -10.95 23.11 -12.96
CA ILE B 303 -10.50 24.51 -13.06
C ILE B 303 -9.11 24.64 -12.39
N LEU B 304 -8.95 24.05 -11.21
CA LEU B 304 -7.72 24.18 -10.43
C LEU B 304 -6.58 23.43 -11.19
N ASN B 305 -6.90 22.24 -11.73
CA ASN B 305 -5.92 21.44 -12.49
C ASN B 305 -5.42 22.23 -13.72
N GLY B 306 -6.34 22.91 -14.43
CA GLY B 306 -5.96 23.80 -15.56
C GLY B 306 -5.10 25.01 -15.11
N GLN B 307 -5.38 25.56 -13.92
CA GLN B 307 -4.55 26.68 -13.36
C GLN B 307 -3.11 26.29 -13.02
N TYR B 308 -2.94 25.07 -12.51
CA TYR B 308 -1.64 24.54 -12.09
C TYR B 308 -1.25 23.23 -12.78
N PRO B 309 -0.77 23.32 -14.04
CA PRO B 309 -0.55 22.13 -14.91
C PRO B 309 0.72 21.38 -14.56
N ASP B 310 1.59 21.98 -13.77
CA ASP B 310 2.95 21.50 -13.65
C ASP B 310 3.16 20.63 -12.40
N ASP B 311 2.09 20.23 -11.71
CA ASP B 311 2.25 19.55 -10.43
C ASP B 311 1.56 18.19 -10.33
N GLU B 312 2.31 17.08 -10.45
CA GLU B 312 1.71 15.74 -10.54
C GLU B 312 1.04 15.32 -9.26
N TYR B 313 1.38 16.01 -8.19
CA TYR B 313 0.92 15.58 -6.87
C TYR B 313 -0.25 16.46 -6.40
N LEU B 314 -0.58 17.49 -7.19
CA LEU B 314 -1.64 18.47 -6.83
C LEU B 314 -2.95 17.82 -6.32
N TYR B 315 -3.37 16.74 -6.97
CA TYR B 315 -4.69 16.15 -6.65
C TYR B 315 -4.74 15.65 -5.22
N GLN B 316 -3.56 15.40 -4.64
CA GLN B 316 -3.48 14.83 -3.31
C GLN B 316 -3.33 15.91 -2.23
N TYR B 317 -3.26 17.20 -2.60
CA TYR B 317 -2.86 18.20 -1.58
C TYR B 317 -3.90 18.46 -0.48
N CYS B 318 -5.18 18.21 -0.77
CA CYS B 318 -6.23 18.36 0.27
C CYS B 318 -5.96 17.21 1.29
N LEU B 319 -5.79 15.97 0.80
CA LEU B 319 -5.51 14.87 1.71
C LEU B 319 -4.19 15.10 2.53
N LEU B 320 -3.13 15.44 1.81
CA LEU B 320 -1.81 15.55 2.48
C LEU B 320 -1.77 16.67 3.52
N SER B 321 -2.33 17.84 3.21
CA SER B 321 -2.39 18.92 4.24
C SER B 321 -3.18 18.44 5.50
N SER B 322 -4.28 17.70 5.26
CA SER B 322 -5.10 17.14 6.36
C SER B 322 -4.33 16.09 7.14
N TYR B 323 -3.58 15.25 6.41
CA TYR B 323 -2.86 14.11 7.00
C TYR B 323 -1.70 14.64 7.87
N TYR B 324 -0.98 15.66 7.37
CA TYR B 324 0.18 16.19 8.17
C TYR B 324 -0.31 16.78 9.49
N TYR B 325 -1.42 17.50 9.42
CA TYR B 325 -2.06 18.04 10.67
C TYR B 325 -2.48 16.84 11.60
N ALA B 326 -3.16 15.83 11.05
CA ALA B 326 -3.55 14.69 11.88
C ALA B 326 -2.34 14.04 12.59
N LEU B 327 -1.23 13.83 11.88
CA LEU B 327 -0.06 13.16 12.41
C LEU B 327 0.61 14.02 13.47
N MET B 328 0.88 15.28 13.14
CA MET B 328 1.66 16.17 14.06
C MET B 328 0.89 16.72 15.27
N VAL B 329 -0.36 17.12 15.04
CA VAL B 329 -1.19 17.66 16.08
C VAL B 329 -1.96 16.54 16.83
N ASP B 330 -2.80 15.78 16.13
CA ASP B 330 -3.58 14.78 16.82
C ASP B 330 -2.75 13.59 17.28
N GLY B 331 -1.68 13.24 16.55
CA GLY B 331 -0.84 12.11 16.91
C GLY B 331 0.24 12.55 17.86
N TYR B 332 1.19 13.37 17.39
CA TYR B 332 2.35 13.74 18.23
C TYR B 332 2.02 14.72 19.37
N GLY B 333 0.91 15.44 19.24
CA GLY B 333 0.48 16.41 20.26
C GLY B 333 1.12 17.78 20.07
N ILE B 334 1.75 18.01 18.92
CA ILE B 334 2.38 19.34 18.71
C ILE B 334 1.28 20.39 18.65
N ASN B 335 1.54 21.57 19.22
CA ASN B 335 0.57 22.64 19.24
C ASN B 335 0.34 23.10 17.76
N PRO B 336 -0.92 23.31 17.36
CA PRO B 336 -1.16 23.73 15.98
C PRO B 336 -0.51 25.05 15.57
N ASN B 337 -0.13 25.88 16.56
CA ASN B 337 0.59 27.16 16.26
C ASN B 337 2.12 27.13 16.37
N GLN B 338 2.63 25.96 16.73
CA GLN B 338 4.08 25.75 16.87
C GLN B 338 4.78 25.80 15.48
N THR B 339 5.86 26.58 15.34
CA THR B 339 6.70 26.60 14.09
C THR B 339 7.33 25.24 13.88
N ILE B 340 7.23 24.78 12.63
CA ILE B 340 7.89 23.56 12.16
C ILE B 340 8.79 24.00 11.00
N HIS B 341 10.09 23.84 11.14
CA HIS B 341 10.99 24.16 10.01
C HIS B 341 10.97 22.98 9.08
N TYR B 342 11.11 23.26 7.79
CA TYR B 342 11.28 22.17 6.80
C TYR B 342 12.51 22.50 5.99
N ILE B 343 13.24 21.48 5.58
CA ILE B 343 14.49 21.73 4.92
C ILE B 343 14.11 21.91 3.46
N PRO B 344 14.58 23.00 2.80
CA PRO B 344 14.30 23.12 1.34
C PRO B 344 14.66 21.84 0.51
N PRO B 345 13.72 21.31 -0.30
CA PRO B 345 13.99 20.12 -1.13
C PRO B 345 15.31 20.18 -1.97
N GLU B 346 15.68 21.37 -2.46
CA GLU B 346 16.89 21.59 -3.30
C GLU B 346 18.14 21.21 -2.56
N GLN B 347 18.06 21.10 -1.25
CA GLN B 347 19.24 20.78 -0.48
C GLN B 347 19.60 19.27 -0.49
N ASN B 348 18.67 18.44 -0.97
CA ASN B 348 18.89 16.97 -1.09
C ASN B 348 19.26 16.31 0.24
N LEU B 349 18.62 16.80 1.32
CA LEU B 349 18.90 16.32 2.66
C LEU B 349 17.99 15.13 3.00
N ASP B 350 18.56 13.94 2.98
CA ASP B 350 17.91 12.82 3.57
C ASP B 350 18.83 12.32 4.71
N TRP B 351 18.54 11.16 5.25
CA TRP B 351 19.25 10.64 6.43
C TRP B 351 20.64 10.10 6.05
N THR B 352 21.03 10.09 4.77
CA THR B 352 22.32 9.38 4.40
C THR B 352 23.59 10.02 5.00
N ILE B 353 23.57 11.32 5.31
CA ILE B 353 24.72 11.90 6.05
C ILE B 353 24.89 11.24 7.41
N GLY B 354 23.78 10.82 8.04
CA GLY B 354 23.84 10.08 9.32
C GLY B 354 24.69 8.83 9.18
N VAL B 355 24.64 8.14 8.04
CA VAL B 355 25.46 6.94 7.87
C VAL B 355 26.97 7.29 7.83
N VAL B 356 27.32 8.38 7.15
CA VAL B 356 28.75 8.81 7.04
C VAL B 356 29.27 9.02 8.46
N LEU B 357 28.45 9.66 9.31
CA LEU B 357 28.89 9.97 10.67
C LEU B 357 28.92 8.72 11.57
N HIS B 358 27.86 7.93 11.49
CA HIS B 358 27.65 6.88 12.50
C HIS B 358 28.62 5.70 12.37
N ARG B 359 29.00 5.40 11.15
CA ARG B 359 29.96 4.30 10.93
C ARG B 359 31.38 4.57 11.47
N ALA B 360 31.65 5.84 11.84
CA ALA B 360 32.96 6.18 12.45
C ALA B 360 32.97 6.18 13.98
N LEU B 361 31.79 6.07 14.63
CA LEU B 361 31.67 6.31 16.12
C LEU B 361 32.15 5.14 17.02
VB GMV C . -8.52 -6.92 -6.18
O1B GMV C . -8.29 -6.12 -4.71
O2B GMV C . -7.72 -6.20 -7.53
O3B GMV C . -9.79 -8.30 -6.32
O4B GMV C . -10.25 -5.63 -6.57
PA GMV C . -6.84 -9.77 -6.41
O1A GMV C . -5.47 -9.94 -6.96
O2A GMV C . -7.92 -10.21 -7.38
O3A GMV C . -7.06 -8.28 -5.97
O5' GMV C . -6.99 -10.60 -5.07
C5' GMV C . -6.93 -12.05 -4.98
C4' GMV C . -6.70 -12.36 -3.53
O4' GMV C . -6.51 -13.78 -3.42
C3' GMV C . -5.39 -11.71 -3.00
O3' GMV C . -5.56 -11.24 -1.65
C2' GMV C . -4.40 -12.84 -3.02
O2' GMV C . -3.33 -12.70 -2.05
C1' GMV C . -5.27 -14.07 -2.81
N9 GMV C . -4.62 -15.17 -3.50
C8 GMV C . -4.37 -15.33 -4.84
N7 GMV C . -3.70 -16.50 -5.04
C5 GMV C . -3.49 -17.12 -3.82
C6 GMV C . -2.85 -18.38 -3.30
O6 GMV C . -2.33 -19.18 -4.13
N1 GMV C . -2.85 -18.66 -1.95
C2 GMV C . -3.42 -17.77 -1.08
N2 GMV C . -3.44 -18.05 0.21
N3 GMV C . -4.07 -16.59 -1.48
C4 GMV C . -4.12 -16.23 -2.80
MG MG D . -9.95 -9.93 -7.54
CL CL E . 8.95 -4.16 -12.62
CL CL F . 9.51 -0.90 11.39
CL CL G . -13.89 1.81 -5.88
VB GMV H . 10.35 5.63 3.42
O1B GMV H . 8.82 5.46 3.83
O2B GMV H . 11.12 4.30 2.60
O3B GMV H . 11.30 7.18 3.96
O4B GMV H . 11.06 4.80 5.28
PA GMV H . 10.54 7.69 0.76
O1A GMV H . 10.57 7.29 -0.68
O2A GMV H . 11.94 8.06 1.29
O3A GMV H . 9.92 6.51 1.66
O5' GMV H . 9.52 8.96 1.02
C5' GMV H . 9.64 10.27 0.42
C5' GMV H . 9.84 10.34 0.54
C4' GMV H . 8.30 10.94 0.60
C4' GMV H . 8.62 11.05 -0.11
O4' GMV H . 8.44 12.24 0.02
O4' GMV H . 8.75 12.35 -0.80
C3' GMV H . 7.19 10.22 -0.20
C3' GMV H . 7.96 10.16 -1.16
O3' GMV H . 5.91 10.38 0.42
O3' GMV H . 6.78 9.61 -0.55
C2' GMV H . 7.15 10.94 -1.53
C2' GMV H . 7.60 11.06 -2.35
O2' GMV H . 5.82 10.98 -2.09
O2' GMV H . 6.33 10.69 -2.93
C1' GMV H . 7.67 12.35 -1.20
C1' GMV H . 7.56 12.43 -1.67
N9 GMV H . 8.30 12.99 -2.43
N9 GMV H . 7.12 13.61 -2.54
C8 GMV H . 9.47 12.75 -3.08
C8 GMV H . 7.47 13.99 -3.81
N7 GMV H . 9.61 13.57 -4.17
N7 GMV H . 6.80 15.11 -4.24
C5 GMV H . 8.53 14.37 -4.26
C5 GMV H . 5.93 15.49 -3.24
C6 GMV H . 8.04 15.46 -5.14
C6 GMV H . 4.90 16.57 -2.97
O6 GMV H . 8.66 15.87 -6.15
O6 GMV H . 4.62 17.50 -3.80
N1 GMV H . 6.87 16.02 -4.87
N1 GMV H . 4.27 16.53 -1.80
C2 GMV H . 6.13 15.62 -3.81
C2 GMV H . 4.53 15.59 -0.85
N2 GMV H . 4.94 16.24 -3.59
N2 GMV H . 3.91 15.59 0.33
N3 GMV H . 6.51 14.62 -2.93
N3 GMV H . 5.43 14.60 -1.03
C4 GMV H . 7.68 13.97 -3.11
C4 GMV H . 6.16 14.48 -2.15
MG MG I . 12.79 8.24 3.15
#